data_8ZBU
#
_entry.id   8ZBU
#
_cell.length_a   1.00
_cell.length_b   1.00
_cell.length_c   1.00
_cell.angle_alpha   90.00
_cell.angle_beta   90.00
_cell.angle_gamma   90.00
#
_symmetry.space_group_name_H-M   'P 1'
#
loop_
_entity.id
_entity.type
_entity.pdbx_description
1 polymer 'ATP-binding cassette sub-family C member 4'
2 non-polymer N-{3-CHLORO-4-[(3-FLUOROBENZYL)OXY]PHENYL}-6-[5-({[2-(METHYLSULFONYL)ETHYL]AMINO}METHYL)-2-FURYL]-4-QUINAZOLINAMINE
3 non-polymer 'MAGNESIUM ION'
4 non-polymer "ADENOSINE-5'-TRIPHOSPHATE"
#
_entity_poly.entity_id   1
_entity_poly.type   'polypeptide(L)'
_entity_poly.pdbx_seq_one_letter_code
;MHHHHHHHHHHMLPVYQEVKPNPLQDANLCSRVFFWWLNPLFKIGHKRRLEEDDMYSVLPEDRSQHLGEELQGFWDKEVL
RAENDAQKPSLTRAIIKCYWKSYLVLGIFTLIEESAKVIQPIFLGKIINYFENYDPMDSVALNTAYAYATVLTFCTLILA
ILHHLYFYHVQCAGMRLRVAMCHMIYRKALRLSNMAMGKTTTGQIVNLLSNDVNKFDQVTVFLHFLWAGPLQAIAVTALL
WMEIGISCLAGMAVLIILLPLQSCFGKLFSSLRSKTATFTDARIRTMNEVITGIRIIKMYAWEKSFSNLITNLRKKEISK
ILRSSCLRGMNLASFFSASKIIVFVTFTTYVLLGSVITASRVFVAVTLYGAVRLTVTLFFPSAIERVSEAIVSIRRIQTF
LLLDEISQRNRQLPSDGKKMVHVQDFTAFWDKASETPTLQGLSFTVRPGELLAVVGPVGAGKSSLLSAVLGELAPSHGLV
SVHGRIAYVSQQPWVFSGTLRSNILFGKKYEKERYEKVIKACALKKDLQLLEDGDLTVIGDRGTTLSGGQKARVNLARAV
YQDADIYLLDDPLSAVDAEVSRHLFELCICQILHEKITILVTHQLQYLKAASQILILKDGKMVQKGTYTEFLKSGIDFGS
LLKKDNEESEQPPVPGTPTLRNRTFSESSVWSQQSSRPSLKDGALESQDTENVPVTLSEENRSEGKVGFQAYKNYFRAGA
HWIVFIFLILLNTAAQVAYVLQDWWLSYWANKQSMLNVTVNGGGNVTEKLDLNWYLGIYSGLTVATVLFGIARSLLVFYV
LVNSSQTLHNKMFESILKAPVLFFDRNPIGRILNRFSKDIGHLDDLLPLTFLDFIQTLLQVVGVVSVAVAVIPWIAIPLV
PLGIIFIFLRRYFLETSRDVKRLESTTRSPVFSHLSSSLQGLWTIRAYKAEERCQELFDAHQDLHSEAWFLFLTTSRWFA
VRLDAICAMFVIIVAFGSLILAKTLDAGQVGLALSYALTLMGMFQWCVRQSAEVENMMISVERVIEYTDLEKEAPWEYQK
RPPPAWPHEGVIIFDNVNFMYSPGGPLVLKHLTALIKSQEKVGIVGRTGAGKSSLISALFRLSEPEGKIWIDKILTTEIG
LHDLRKKMSIIPQEPVLFTGTMRKNLDPFNEHTDEELWNALQEVQLKETIEDLPGKMDTELAESGSNFSVGQRQLVCLAR
AILRKNQILIIDQATANVDPRTDELIQKKIREKFAHCTVLTIAHRLNTIIDSDKIMVLDSGRLKEYDEPYVLLQNKESLF
YKMVQQLGKAEAAALTETAKQVYFKRNYPHIGHTDHMVTNTSNGQPSTLTIFETALDYKDDDDK
;
_entity_poly.pdbx_strand_id   A
#
loop_
_chem_comp.id
_chem_comp.type
_chem_comp.name
_chem_comp.formula
ATP non-polymer ADENOSINE-5'-TRIPHOSPHATE 'C10 H16 N5 O13 P3'
FMM non-polymer N-{3-CHLORO-4-[(3-FLUOROBENZYL)OXY]PHENYL}-6-[5-({[2-(METHYLSULFONYL)ETHYL]AMINO}METHYL)-2-FURYL]-4-QUINAZOLINAMINE 'C29 H26 Cl F N4 O4 S'
MG non-polymer 'MAGNESIUM ION' 'Mg 2'
#
# COMPACT_ATOMS: atom_id res chain seq x y z
N LYS A 20 -26.39 -12.55 -17.92
CA LYS A 20 -25.48 -13.41 -17.16
C LYS A 20 -26.19 -14.02 -15.96
N PRO A 21 -27.09 -14.97 -16.20
CA PRO A 21 -27.83 -15.58 -15.08
C PRO A 21 -26.90 -16.35 -14.16
N ASN A 22 -27.29 -16.39 -12.88
CA ASN A 22 -26.48 -17.04 -11.86
C ASN A 22 -26.79 -18.53 -11.84
N PRO A 23 -25.82 -19.40 -12.14
CA PRO A 23 -26.10 -20.84 -12.13
C PRO A 23 -26.55 -21.37 -10.78
N LEU A 24 -26.14 -20.73 -9.67
CA LEU A 24 -26.59 -21.15 -8.36
C LEU A 24 -28.10 -21.01 -8.20
N GLN A 25 -28.75 -20.26 -9.08
CA GLN A 25 -30.21 -20.17 -9.03
C GLN A 25 -30.89 -21.42 -9.55
N ASP A 26 -30.18 -22.26 -10.31
CA ASP A 26 -30.77 -23.43 -10.97
C ASP A 26 -29.99 -24.70 -10.63
N ALA A 27 -29.74 -24.91 -9.34
CA ALA A 27 -28.95 -26.04 -8.88
C ALA A 27 -29.76 -26.91 -7.92
N ASN A 28 -29.51 -28.22 -7.99
CA ASN A 28 -30.16 -29.18 -7.11
C ASN A 28 -29.49 -29.14 -5.74
N LEU A 29 -29.72 -30.17 -4.92
CA LEU A 29 -28.99 -30.28 -3.67
C LEU A 29 -27.74 -31.14 -3.80
N CYS A 30 -27.83 -32.25 -4.54
CA CYS A 30 -26.66 -33.06 -4.82
C CYS A 30 -25.67 -32.38 -5.74
N SER A 31 -26.06 -31.26 -6.36
CA SER A 31 -25.14 -30.43 -7.10
C SER A 31 -24.67 -29.22 -6.30
N ARG A 32 -25.43 -28.82 -5.28
CA ARG A 32 -25.03 -27.71 -4.43
C ARG A 32 -24.16 -28.14 -3.27
N VAL A 33 -24.11 -29.44 -2.96
CA VAL A 33 -23.20 -29.90 -1.92
C VAL A 33 -21.82 -30.24 -2.47
N PHE A 34 -21.71 -30.48 -3.77
CA PHE A 34 -20.43 -30.75 -4.42
C PHE A 34 -19.95 -29.58 -5.26
N PHE A 35 -20.67 -28.46 -5.27
CA PHE A 35 -20.35 -27.30 -6.09
C PHE A 35 -20.16 -27.71 -7.55
N TRP A 36 -21.19 -28.35 -8.10
CA TRP A 36 -21.12 -28.90 -9.45
C TRP A 36 -21.42 -27.86 -10.52
N TRP A 37 -21.77 -26.63 -10.16
CA TRP A 37 -22.07 -25.61 -11.15
C TRP A 37 -20.86 -24.80 -11.58
N LEU A 38 -19.71 -24.97 -10.93
CA LEU A 38 -18.52 -24.18 -11.23
C LEU A 38 -17.67 -24.80 -12.34
N ASN A 39 -18.04 -25.98 -12.82
CA ASN A 39 -17.26 -26.62 -13.86
C ASN A 39 -17.12 -25.79 -15.13
N PRO A 40 -18.17 -25.15 -15.67
CA PRO A 40 -17.95 -24.30 -16.84
C PRO A 40 -16.97 -23.17 -16.60
N LEU A 41 -17.04 -22.52 -15.44
CA LEU A 41 -16.10 -21.44 -15.15
C LEU A 41 -14.68 -21.97 -15.08
N PHE A 42 -14.48 -23.11 -14.43
CA PHE A 42 -13.13 -23.65 -14.34
C PHE A 42 -12.61 -24.06 -15.70
N LYS A 43 -13.47 -24.62 -16.55
CA LYS A 43 -13.04 -24.96 -17.91
C LYS A 43 -12.63 -23.73 -18.69
N ILE A 44 -13.42 -22.65 -18.61
CA ILE A 44 -13.10 -21.43 -19.33
C ILE A 44 -11.80 -20.83 -18.81
N GLY A 45 -11.61 -20.84 -17.48
CA GLY A 45 -10.38 -20.32 -16.91
C GLY A 45 -9.16 -21.12 -17.28
N HIS A 46 -9.31 -22.45 -17.42
CA HIS A 46 -8.19 -23.26 -17.89
C HIS A 46 -7.88 -22.97 -19.34
N LYS A 47 -8.91 -22.77 -20.18
CA LYS A 47 -8.67 -22.53 -21.59
C LYS A 47 -8.01 -21.18 -21.82
N ARG A 48 -8.56 -20.12 -21.21
CA ARG A 48 -8.10 -18.75 -21.46
C ARG A 48 -8.16 -17.96 -20.16
N ARG A 49 -7.82 -16.68 -20.26
CA ARG A 49 -7.90 -15.77 -19.12
C ARG A 49 -9.32 -15.26 -18.94
N LEU A 50 -9.70 -15.01 -17.70
CA LEU A 50 -11.04 -14.54 -17.36
C LEU A 50 -11.04 -13.03 -17.19
N GLU A 51 -12.13 -12.40 -17.62
CA GLU A 51 -12.31 -10.96 -17.50
C GLU A 51 -13.64 -10.68 -16.81
N GLU A 52 -13.96 -9.39 -16.66
CA GLU A 52 -15.15 -8.96 -15.93
C GLU A 52 -16.44 -9.38 -16.59
N ASP A 53 -16.41 -9.83 -17.85
CA ASP A 53 -17.61 -10.37 -18.47
C ASP A 53 -17.91 -11.78 -17.99
N ASP A 54 -16.88 -12.55 -17.65
CA ASP A 54 -17.06 -13.97 -17.35
C ASP A 54 -17.65 -14.24 -15.97
N MET A 55 -17.62 -13.26 -15.07
CA MET A 55 -18.10 -13.48 -13.72
C MET A 55 -19.61 -13.56 -13.69
N TYR A 56 -20.14 -14.23 -12.66
CA TYR A 56 -21.56 -14.50 -12.53
C TYR A 56 -22.24 -13.42 -11.71
N SER A 57 -23.36 -12.91 -12.21
CA SER A 57 -24.10 -11.87 -11.50
C SER A 57 -24.69 -12.40 -10.21
N VAL A 58 -24.79 -11.51 -9.21
CA VAL A 58 -25.21 -11.93 -7.88
C VAL A 58 -26.73 -12.13 -7.83
N LEU A 59 -27.17 -12.86 -6.82
CA LEU A 59 -28.57 -13.14 -6.60
C LEU A 59 -29.28 -11.90 -6.06
N PRO A 60 -30.59 -11.78 -6.30
CA PRO A 60 -31.32 -10.60 -5.80
C PRO A 60 -31.25 -10.43 -4.29
N GLU A 61 -31.13 -11.51 -3.54
CA GLU A 61 -31.03 -11.40 -2.09
C GLU A 61 -29.65 -10.97 -1.63
N ASP A 62 -28.69 -10.80 -2.54
CA ASP A 62 -27.35 -10.37 -2.21
C ASP A 62 -27.01 -9.00 -2.78
N ARG A 63 -27.99 -8.30 -3.36
CA ARG A 63 -27.76 -6.96 -3.88
C ARG A 63 -27.53 -5.98 -2.73
N SER A 64 -26.69 -4.97 -2.99
CA SER A 64 -26.29 -4.06 -1.93
C SER A 64 -27.46 -3.22 -1.43
N GLN A 65 -28.34 -2.77 -2.33
CA GLN A 65 -29.43 -1.91 -1.92
C GLN A 65 -30.36 -2.61 -0.94
N HIS A 66 -30.70 -3.86 -1.22
CA HIS A 66 -31.62 -4.61 -0.35
C HIS A 66 -31.04 -4.77 1.05
N LEU A 67 -29.79 -5.23 1.15
CA LEU A 67 -29.19 -5.43 2.46
C LEU A 67 -29.03 -4.11 3.20
N GLY A 68 -28.60 -3.06 2.51
CA GLY A 68 -28.45 -1.78 3.15
C GLY A 68 -29.76 -1.23 3.67
N GLU A 69 -30.82 -1.35 2.87
CA GLU A 69 -32.13 -0.87 3.31
C GLU A 69 -32.63 -1.67 4.51
N GLU A 70 -32.43 -2.99 4.51
CA GLU A 70 -32.86 -3.81 5.64
C GLU A 70 -32.16 -3.38 6.93
N LEU A 71 -30.82 -3.31 6.89
CA LEU A 71 -30.10 -2.94 8.10
C LEU A 71 -30.42 -1.52 8.51
N GLN A 72 -30.64 -0.63 7.53
CA GLN A 72 -30.98 0.76 7.85
C GLN A 72 -32.33 0.84 8.56
N GLY A 73 -33.32 0.07 8.08
CA GLY A 73 -34.60 0.06 8.75
C GLY A 73 -34.50 -0.45 10.17
N PHE A 74 -33.74 -1.54 10.37
CA PHE A 74 -33.61 -2.08 11.73
C PHE A 74 -32.86 -1.10 12.63
N TRP A 75 -31.82 -0.45 12.11
CA TRP A 75 -31.05 0.50 12.91
C TRP A 75 -31.89 1.73 13.25
N ASP A 76 -32.73 2.18 12.32
CA ASP A 76 -33.61 3.31 12.61
C ASP A 76 -34.65 2.93 13.66
N LYS A 77 -35.22 1.72 13.58
CA LYS A 77 -36.14 1.29 14.62
C LYS A 77 -35.44 1.24 15.98
N GLU A 78 -34.20 0.73 16.00
CA GLU A 78 -33.47 0.66 17.25
C GLU A 78 -33.16 2.04 17.80
N VAL A 79 -32.79 2.99 16.94
CA VAL A 79 -32.47 4.33 17.43
C VAL A 79 -33.72 5.04 17.92
N LEU A 80 -34.87 4.80 17.28
CA LEU A 80 -36.12 5.37 17.78
C LEU A 80 -36.48 4.77 19.13
N ARG A 81 -36.30 3.46 19.29
CA ARG A 81 -36.57 2.83 20.59
C ARG A 81 -35.64 3.37 21.67
N ALA A 82 -34.37 3.56 21.34
CA ALA A 82 -33.42 4.09 22.30
C ALA A 82 -33.74 5.54 22.67
N GLU A 83 -34.18 6.33 21.69
CA GLU A 83 -34.60 7.70 21.98
C GLU A 83 -35.82 7.72 22.90
N ASN A 84 -36.77 6.82 22.65
CA ASN A 84 -37.94 6.71 23.53
C ASN A 84 -37.53 6.30 24.94
N ASP A 85 -36.58 5.37 25.05
CA ASP A 85 -36.12 4.87 26.34
C ASP A 85 -35.11 5.79 27.01
N ALA A 86 -34.68 6.86 26.33
CA ALA A 86 -33.68 7.79 26.85
C ALA A 86 -32.35 7.08 27.14
N GLN A 87 -31.79 6.49 26.08
CA GLN A 87 -30.54 5.77 26.19
C GLN A 87 -29.87 5.72 24.81
N LYS A 88 -28.58 5.42 24.81
CA LYS A 88 -27.84 5.34 23.57
C LYS A 88 -28.32 4.17 22.72
N PRO A 89 -28.22 4.27 21.40
CA PRO A 89 -28.61 3.16 20.53
C PRO A 89 -27.55 2.07 20.55
N SER A 90 -27.75 1.05 19.71
CA SER A 90 -26.82 -0.09 19.69
C SER A 90 -26.82 -0.71 18.29
N LEU A 91 -25.74 -0.44 17.55
CA LEU A 91 -25.53 -1.12 16.28
C LEU A 91 -25.42 -2.63 16.48
N THR A 92 -24.81 -3.06 17.58
CA THR A 92 -24.74 -4.48 17.88
C THR A 92 -26.14 -5.06 18.03
N ARG A 93 -27.03 -4.35 18.72
CA ARG A 93 -28.41 -4.82 18.85
C ARG A 93 -29.07 -4.89 17.49
N ALA A 94 -28.84 -3.90 16.63
CA ALA A 94 -29.47 -3.90 15.31
C ALA A 94 -29.03 -5.11 14.49
N ILE A 95 -27.72 -5.38 14.44
CA ILE A 95 -27.24 -6.50 13.63
C ILE A 95 -27.68 -7.83 14.23
N ILE A 96 -27.68 -7.94 15.56
CA ILE A 96 -28.15 -9.16 16.20
C ILE A 96 -29.61 -9.42 15.83
N LYS A 97 -30.46 -8.41 16.00
CA LYS A 97 -31.87 -8.58 15.69
C LYS A 97 -32.12 -8.82 14.21
N CYS A 98 -31.20 -8.43 13.34
CA CYS A 98 -31.40 -8.71 11.93
C CYS A 98 -30.89 -10.08 11.50
N TYR A 99 -29.89 -10.65 12.19
CA TYR A 99 -29.24 -11.85 11.67
C TYR A 99 -29.33 -13.09 12.56
N TRP A 100 -29.82 -13.00 13.79
CA TRP A 100 -29.84 -14.19 14.64
C TRP A 100 -30.74 -15.28 14.06
N LYS A 101 -31.91 -14.89 13.55
CA LYS A 101 -32.87 -15.88 13.06
C LYS A 101 -32.31 -16.67 11.90
N SER A 102 -31.39 -16.10 11.14
CA SER A 102 -30.72 -16.85 10.08
C SER A 102 -29.39 -17.44 10.52
N TYR A 103 -28.90 -17.10 11.70
CA TYR A 103 -27.72 -17.76 12.25
C TYR A 103 -28.05 -18.92 13.18
N LEU A 104 -29.32 -19.21 13.44
CA LEU A 104 -29.66 -20.41 14.19
C LEU A 104 -29.24 -21.68 13.45
N VAL A 105 -29.49 -21.73 12.14
CA VAL A 105 -29.34 -22.97 11.39
C VAL A 105 -27.88 -23.39 11.30
N LEU A 106 -26.97 -22.44 11.06
CA LEU A 106 -25.56 -22.78 11.00
C LEU A 106 -25.06 -23.26 12.35
N GLY A 107 -25.62 -22.74 13.43
CA GLY A 107 -25.31 -23.28 14.75
C GLY A 107 -25.77 -24.72 14.90
N ILE A 108 -26.96 -25.03 14.37
CA ILE A 108 -27.42 -26.42 14.39
C ILE A 108 -26.41 -27.32 13.70
N PHE A 109 -25.96 -26.94 12.52
CA PHE A 109 -25.06 -27.82 11.78
C PHE A 109 -23.69 -27.91 12.44
N THR A 110 -23.18 -26.82 13.01
CA THR A 110 -21.90 -26.94 13.69
C THR A 110 -22.01 -27.82 14.93
N LEU A 111 -23.17 -27.82 15.59
CA LEU A 111 -23.38 -28.76 16.70
C LEU A 111 -23.31 -30.20 16.20
N ILE A 112 -23.97 -30.49 15.08
CA ILE A 112 -23.90 -31.84 14.52
C ILE A 112 -22.46 -32.23 14.20
N GLU A 113 -21.70 -31.30 13.59
CA GLU A 113 -20.33 -31.59 13.20
C GLU A 113 -19.44 -31.87 14.40
N GLU A 114 -19.56 -31.06 15.46
CA GLU A 114 -18.80 -31.33 16.67
C GLU A 114 -19.16 -32.68 17.27
N SER A 115 -20.45 -33.02 17.25
CA SER A 115 -20.86 -34.32 17.77
C SER A 115 -20.21 -35.46 16.99
N ALA A 116 -20.18 -35.35 15.66
CA ALA A 116 -19.55 -36.41 14.87
C ALA A 116 -18.05 -36.51 15.16
N LYS A 117 -17.39 -35.36 15.29
CA LYS A 117 -15.95 -35.36 15.58
C LYS A 117 -15.66 -36.06 16.90
N VAL A 118 -16.47 -35.80 17.93
CA VAL A 118 -16.25 -36.48 19.20
C VAL A 118 -16.63 -37.95 19.11
N ILE A 119 -17.64 -38.29 18.30
CA ILE A 119 -18.16 -39.65 18.29
C ILE A 119 -17.18 -40.63 17.66
N GLN A 120 -16.58 -40.26 16.52
CA GLN A 120 -15.87 -41.27 15.72
C GLN A 120 -14.74 -42.02 16.45
N PRO A 121 -13.96 -41.43 17.37
CA PRO A 121 -12.95 -42.24 18.06
C PRO A 121 -13.53 -43.40 18.87
N ILE A 122 -14.78 -43.31 19.33
CA ILE A 122 -15.38 -44.43 20.04
C ILE A 122 -15.47 -45.65 19.14
N PHE A 123 -15.91 -45.46 17.89
CA PHE A 123 -15.97 -46.58 16.97
C PHE A 123 -14.59 -47.04 16.55
N LEU A 124 -13.62 -46.12 16.49
CA LEU A 124 -12.23 -46.57 16.30
C LEU A 124 -11.81 -47.53 17.40
N GLY A 125 -12.12 -47.18 18.65
CA GLY A 125 -11.81 -48.05 19.76
C GLY A 125 -12.54 -49.36 19.69
N LYS A 126 -13.78 -49.36 19.19
CA LYS A 126 -14.50 -50.62 19.07
C LYS A 126 -13.87 -51.53 18.03
N ILE A 127 -13.39 -50.96 16.92
CA ILE A 127 -12.70 -51.79 15.92
C ILE A 127 -11.45 -52.41 16.52
N ILE A 128 -10.63 -51.60 17.22
CA ILE A 128 -9.41 -52.13 17.82
C ILE A 128 -9.75 -53.19 18.86
N ASN A 129 -10.82 -52.95 19.64
CA ASN A 129 -11.24 -53.91 20.65
C ASN A 129 -11.64 -55.23 20.03
N TYR A 130 -12.31 -55.20 18.88
CA TYR A 130 -12.53 -56.43 18.15
C TYR A 130 -11.21 -57.09 17.79
N PHE A 131 -10.26 -56.28 17.32
CA PHE A 131 -9.04 -56.88 16.78
C PHE A 131 -8.17 -57.49 17.88
N GLU A 132 -8.35 -57.04 19.13
CA GLU A 132 -7.55 -57.57 20.25
C GLU A 132 -7.84 -59.03 20.52
N ASN A 133 -9.07 -59.48 20.29
CA ASN A 133 -9.48 -60.84 20.62
C ASN A 133 -9.87 -61.57 19.34
N TYR A 134 -9.04 -61.47 18.32
CA TYR A 134 -9.37 -62.07 17.02
C TYR A 134 -9.57 -63.57 17.14
N ASP A 135 -10.65 -64.04 16.53
CA ASP A 135 -10.95 -65.47 16.44
C ASP A 135 -11.40 -65.78 15.01
N PRO A 136 -10.60 -66.53 14.25
CA PRO A 136 -10.92 -66.74 12.82
C PRO A 136 -12.25 -67.43 12.58
N MET A 137 -12.68 -68.30 13.50
CA MET A 137 -13.90 -69.07 13.25
C MET A 137 -15.15 -68.21 13.38
N ASP A 138 -15.12 -67.18 14.22
CA ASP A 138 -16.28 -66.34 14.42
C ASP A 138 -16.53 -65.46 13.20
N SER A 139 -17.80 -65.26 12.88
CA SER A 139 -18.21 -64.39 11.78
C SER A 139 -19.08 -63.23 12.23
N VAL A 140 -19.83 -63.38 13.33
CA VAL A 140 -20.63 -62.28 13.85
C VAL A 140 -19.72 -61.14 14.30
N ALA A 141 -18.56 -61.47 14.87
CA ALA A 141 -17.59 -60.44 15.23
C ALA A 141 -17.10 -59.70 13.99
N LEU A 142 -16.86 -60.42 12.90
CA LEU A 142 -16.44 -59.78 11.66
C LEU A 142 -17.53 -58.87 11.12
N ASN A 143 -18.79 -59.30 11.20
CA ASN A 143 -19.89 -58.47 10.73
C ASN A 143 -20.02 -57.20 11.58
N THR A 144 -19.88 -57.33 12.90
CA THR A 144 -19.93 -56.14 13.75
C THR A 144 -18.78 -55.20 13.45
N ALA A 145 -17.58 -55.74 13.21
CA ALA A 145 -16.45 -54.89 12.87
C ALA A 145 -16.69 -54.16 11.56
N TYR A 146 -17.27 -54.85 10.58
CA TYR A 146 -17.61 -54.19 9.32
C TYR A 146 -18.63 -53.07 9.53
N ALA A 147 -19.62 -53.31 10.39
CA ALA A 147 -20.59 -52.26 10.68
C ALA A 147 -19.92 -51.05 11.31
N TYR A 148 -19.00 -51.27 12.26
CA TYR A 148 -18.29 -50.16 12.88
C TYR A 148 -17.44 -49.40 11.87
N ALA A 149 -16.80 -50.13 10.95
CA ALA A 149 -16.04 -49.46 9.90
C ALA A 149 -16.95 -48.61 9.03
N THR A 150 -18.14 -49.12 8.71
CA THR A 150 -19.09 -48.33 7.91
C THR A 150 -19.51 -47.06 8.65
N VAL A 151 -19.74 -47.16 9.96
CA VAL A 151 -20.10 -45.98 10.74
C VAL A 151 -18.97 -44.97 10.74
N LEU A 152 -17.73 -45.44 10.85
CA LEU A 152 -16.57 -44.54 10.78
C LEU A 152 -16.51 -43.83 9.43
N THR A 153 -16.78 -44.57 8.34
CA THR A 153 -16.80 -43.95 7.01
C THR A 153 -17.89 -42.88 6.91
N PHE A 154 -19.07 -43.17 7.47
CA PHE A 154 -20.14 -42.17 7.45
C PHE A 154 -19.76 -40.91 8.21
N CYS A 155 -19.14 -41.08 9.38
CA CYS A 155 -18.71 -39.91 10.14
C CYS A 155 -17.67 -39.09 9.38
N THR A 156 -16.72 -39.76 8.73
CA THR A 156 -15.72 -39.02 7.95
C THR A 156 -16.36 -38.30 6.78
N LEU A 157 -17.33 -38.93 6.11
CA LEU A 157 -18.00 -38.27 4.99
C LEU A 157 -18.80 -37.05 5.45
N ILE A 158 -19.45 -37.14 6.61
CA ILE A 158 -20.12 -35.96 7.17
C ILE A 158 -19.11 -34.86 7.45
N LEU A 159 -17.97 -35.21 8.05
CA LEU A 159 -16.96 -34.20 8.34
C LEU A 159 -16.35 -33.61 7.07
N ALA A 160 -16.40 -34.34 5.96
CA ALA A 160 -15.62 -33.96 4.79
C ALA A 160 -16.42 -33.31 3.67
N ILE A 161 -17.72 -33.60 3.53
CA ILE A 161 -18.42 -33.13 2.34
C ILE A 161 -19.40 -31.99 2.67
N LEU A 162 -20.33 -32.22 3.60
CA LEU A 162 -21.34 -31.21 3.87
C LEU A 162 -20.75 -30.00 4.58
N HIS A 163 -19.66 -30.20 5.32
CA HIS A 163 -19.04 -29.09 6.04
C HIS A 163 -18.66 -27.96 5.10
N HIS A 164 -18.43 -28.26 3.81
CA HIS A 164 -17.99 -27.22 2.89
C HIS A 164 -19.14 -26.31 2.49
N LEU A 165 -20.33 -26.85 2.24
CA LEU A 165 -21.49 -26.01 2.01
C LEU A 165 -21.81 -25.20 3.26
N TYR A 166 -21.71 -25.82 4.44
CA TYR A 166 -21.94 -25.07 5.66
C TYR A 166 -20.95 -23.91 5.80
N PHE A 167 -19.68 -24.15 5.49
CA PHE A 167 -18.67 -23.10 5.58
C PHE A 167 -18.95 -21.99 4.59
N TYR A 168 -19.34 -22.33 3.36
CA TYR A 168 -19.64 -21.28 2.38
C TYR A 168 -20.77 -20.40 2.87
N HIS A 169 -21.81 -20.99 3.44
CA HIS A 169 -22.90 -20.15 3.95
C HIS A 169 -22.45 -19.29 5.12
N VAL A 170 -21.59 -19.84 5.98
CA VAL A 170 -21.04 -19.05 7.09
C VAL A 170 -20.28 -17.84 6.56
N GLN A 171 -19.51 -18.00 5.49
CA GLN A 171 -18.77 -16.87 4.93
C GLN A 171 -19.70 -15.88 4.24
N CYS A 172 -20.73 -16.39 3.56
CA CYS A 172 -21.66 -15.51 2.86
C CYS A 172 -22.41 -14.62 3.83
N ALA A 173 -22.69 -15.11 5.03
CA ALA A 173 -23.37 -14.27 6.03
C ALA A 173 -22.53 -13.04 6.38
N GLY A 174 -21.23 -13.24 6.60
CA GLY A 174 -20.36 -12.12 6.89
C GLY A 174 -20.23 -11.17 5.72
N MET A 175 -20.15 -11.72 4.50
CA MET A 175 -20.09 -10.84 3.33
C MET A 175 -21.34 -9.97 3.23
N ARG A 176 -22.52 -10.55 3.47
CA ARG A 176 -23.75 -9.77 3.44
C ARG A 176 -23.75 -8.67 4.49
N LEU A 177 -23.30 -9.00 5.71
CA LEU A 177 -23.22 -7.98 6.74
C LEU A 177 -22.31 -6.83 6.32
N ARG A 178 -21.17 -7.15 5.73
CA ARG A 178 -20.22 -6.12 5.32
C ARG A 178 -20.79 -5.24 4.21
N VAL A 179 -21.46 -5.84 3.23
CA VAL A 179 -22.03 -5.04 2.14
C VAL A 179 -23.10 -4.10 2.67
N ALA A 180 -23.97 -4.59 3.56
CA ALA A 180 -24.99 -3.71 4.13
C ALA A 180 -24.35 -2.58 4.93
N MET A 181 -23.28 -2.89 5.69
CA MET A 181 -22.58 -1.86 6.43
C MET A 181 -22.02 -0.80 5.50
N CYS A 182 -21.41 -1.21 4.38
CA CYS A 182 -20.84 -0.24 3.45
C CYS A 182 -21.90 0.67 2.86
N HIS A 183 -23.05 0.10 2.48
CA HIS A 183 -24.12 0.94 1.96
C HIS A 183 -24.59 1.94 2.99
N MET A 184 -24.77 1.50 4.23
CA MET A 184 -25.23 2.43 5.27
C MET A 184 -24.21 3.54 5.51
N ILE A 185 -22.92 3.18 5.52
CA ILE A 185 -21.87 4.16 5.76
C ILE A 185 -21.85 5.22 4.66
N TYR A 186 -21.95 4.81 3.40
CA TYR A 186 -21.94 5.82 2.35
C TYR A 186 -23.21 6.66 2.34
N ARG A 187 -24.35 6.05 2.63
CA ARG A 187 -25.58 6.83 2.72
C ARG A 187 -25.46 7.91 3.78
N LYS A 188 -24.84 7.58 4.92
CA LYS A 188 -24.56 8.62 5.91
C LYS A 188 -23.56 9.63 5.38
N ALA A 189 -22.51 9.17 4.70
CA ALA A 189 -21.45 10.05 4.23
C ALA A 189 -21.95 11.08 3.24
N LEU A 190 -23.05 10.80 2.55
CA LEU A 190 -23.58 11.74 1.58
C LEU A 190 -24.38 12.87 2.21
N ARG A 191 -24.50 12.94 3.55
CA ARG A 191 -25.34 13.95 4.16
C ARG A 191 -24.74 14.54 5.44
N LEU A 192 -23.41 14.57 5.55
CA LEU A 192 -22.80 15.27 6.67
C LEU A 192 -23.05 16.77 6.60
N SER A 193 -23.09 17.39 7.77
CA SER A 193 -23.23 18.83 7.89
C SER A 193 -21.85 19.48 7.85
N ASN A 194 -21.82 20.81 7.90
CA ASN A 194 -20.58 21.54 7.72
C ASN A 194 -19.62 21.30 8.89
N MET A 195 -20.11 21.45 10.12
CA MET A 195 -19.25 21.22 11.28
C MET A 195 -18.85 19.75 11.38
N ALA A 196 -19.73 18.84 10.99
CA ALA A 196 -19.37 17.42 10.99
C ALA A 196 -18.24 17.14 10.01
N MET A 197 -18.34 17.69 8.81
CA MET A 197 -17.25 17.53 7.84
C MET A 197 -15.98 18.17 8.34
N GLY A 198 -16.08 19.30 9.03
CA GLY A 198 -14.89 19.94 9.58
C GLY A 198 -14.20 19.09 10.62
N LYS A 199 -14.97 18.54 11.57
CA LYS A 199 -14.36 17.76 12.63
C LYS A 199 -13.82 16.43 12.10
N THR A 200 -14.56 15.77 11.22
CA THR A 200 -14.07 14.54 10.62
C THR A 200 -13.01 14.86 9.57
N THR A 201 -12.35 13.81 9.09
CA THR A 201 -11.30 13.96 8.09
C THR A 201 -11.58 13.01 6.93
N THR A 202 -11.13 13.41 5.74
CA THR A 202 -11.34 12.60 4.54
C THR A 202 -10.57 11.29 4.57
N GLY A 203 -9.62 11.14 5.49
CA GLY A 203 -8.87 9.90 5.58
C GLY A 203 -9.48 8.91 6.55
N GLN A 204 -10.10 9.43 7.60
CA GLN A 204 -10.70 8.55 8.61
C GLN A 204 -11.83 7.72 8.04
N ILE A 205 -12.64 8.31 7.16
CA ILE A 205 -13.78 7.58 6.60
C ILE A 205 -13.30 6.41 5.74
N VAL A 206 -12.31 6.64 4.88
CA VAL A 206 -11.80 5.55 4.06
C VAL A 206 -11.04 4.56 4.93
N ASN A 207 -10.42 5.02 6.02
CA ASN A 207 -9.79 4.09 6.95
C ASN A 207 -10.81 3.14 7.55
N LEU A 208 -11.96 3.66 7.99
CA LEU A 208 -12.97 2.79 8.57
C LEU A 208 -13.75 1.99 7.53
N LEU A 209 -13.68 2.39 6.27
CA LEU A 209 -14.29 1.57 5.22
C LEU A 209 -13.31 0.59 4.58
N SER A 210 -12.02 0.69 4.91
CA SER A 210 -11.04 -0.24 4.35
C SER A 210 -10.43 -1.18 5.37
N ASN A 211 -10.33 -0.78 6.64
CA ASN A 211 -9.70 -1.61 7.66
C ASN A 211 -10.60 -1.89 8.84
N ASP A 212 -11.81 -1.35 8.86
CA ASP A 212 -12.76 -1.62 9.94
C ASP A 212 -13.95 -2.46 9.49
N VAL A 213 -14.45 -2.25 8.27
CA VAL A 213 -15.57 -3.06 7.79
C VAL A 213 -15.09 -4.35 7.15
N ASN A 214 -13.79 -4.59 7.10
CA ASN A 214 -13.24 -5.84 6.59
C ASN A 214 -13.03 -6.90 7.67
N LYS A 215 -13.31 -6.59 8.94
CA LYS A 215 -13.30 -7.61 9.97
C LYS A 215 -14.59 -8.42 9.99
N PHE A 216 -15.60 -8.00 9.23
CA PHE A 216 -16.87 -8.70 9.18
C PHE A 216 -16.83 -9.92 8.27
N ASP A 217 -15.82 -10.04 7.43
CA ASP A 217 -15.62 -11.28 6.68
C ASP A 217 -14.98 -12.36 7.54
N GLN A 218 -14.35 -11.99 8.65
CA GLN A 218 -13.64 -12.93 9.49
C GLN A 218 -14.28 -13.17 10.85
N VAL A 219 -15.14 -12.28 11.32
CA VAL A 219 -15.80 -12.53 12.60
C VAL A 219 -16.74 -13.72 12.50
N THR A 220 -17.39 -13.89 11.35
CA THR A 220 -18.41 -14.93 11.21
C THR A 220 -17.82 -16.32 11.02
N VAL A 221 -16.68 -16.44 10.33
CA VAL A 221 -16.10 -17.74 10.05
C VAL A 221 -15.79 -18.48 11.35
N PHE A 222 -15.21 -17.77 12.32
CA PHE A 222 -14.90 -18.35 13.62
C PHE A 222 -15.87 -17.90 14.71
N LEU A 223 -17.09 -17.52 14.33
CA LEU A 223 -18.02 -17.00 15.32
C LEU A 223 -18.53 -18.08 16.25
N HIS A 224 -18.93 -19.23 15.70
CA HIS A 224 -19.63 -20.23 16.48
C HIS A 224 -18.72 -20.98 17.45
N PHE A 225 -17.40 -20.80 17.35
CA PHE A 225 -16.49 -21.53 18.21
C PHE A 225 -16.32 -20.88 19.57
N LEU A 226 -17.27 -20.05 19.98
CA LEU A 226 -17.28 -19.54 21.35
C LEU A 226 -18.15 -20.38 22.26
N TRP A 227 -19.13 -21.10 21.71
CA TRP A 227 -19.98 -21.97 22.50
C TRP A 227 -19.75 -23.45 22.22
N ALA A 228 -19.17 -23.79 21.07
CA ALA A 228 -18.90 -25.18 20.73
C ALA A 228 -17.47 -25.61 21.07
N GLY A 229 -16.67 -24.72 21.64
CA GLY A 229 -15.34 -25.07 22.04
C GLY A 229 -15.31 -25.69 23.43
N PRO A 230 -15.81 -24.95 24.43
CA PRO A 230 -15.91 -25.54 25.77
C PRO A 230 -16.78 -26.78 25.82
N LEU A 231 -17.85 -26.84 25.02
CA LEU A 231 -18.68 -28.04 24.99
C LEU A 231 -17.89 -29.24 24.46
N GLN A 232 -17.11 -29.03 23.40
CA GLN A 232 -16.29 -30.12 22.87
C GLN A 232 -15.24 -30.55 23.89
N ALA A 233 -14.62 -29.59 24.58
CA ALA A 233 -13.64 -29.94 25.60
C ALA A 233 -14.28 -30.75 26.72
N ILE A 234 -15.50 -30.37 27.13
CA ILE A 234 -16.20 -31.11 28.18
C ILE A 234 -16.52 -32.53 27.72
N ALA A 235 -17.02 -32.67 26.49
CA ALA A 235 -17.33 -34.00 25.97
C ALA A 235 -16.08 -34.87 25.89
N VAL A 236 -14.97 -34.29 25.43
CA VAL A 236 -13.73 -35.06 25.31
C VAL A 236 -13.20 -35.46 26.68
N THR A 237 -13.27 -34.56 27.66
CA THR A 237 -12.83 -34.92 29.00
C THR A 237 -13.69 -36.04 29.59
N ALA A 238 -15.00 -35.98 29.38
CA ALA A 238 -15.87 -37.04 29.87
C ALA A 238 -15.55 -38.38 29.20
N LEU A 239 -15.34 -38.36 27.88
CA LEU A 239 -15.00 -39.60 27.18
C LEU A 239 -13.68 -40.17 27.67
N LEU A 240 -12.66 -39.31 27.83
CA LEU A 240 -11.37 -39.79 28.31
C LEU A 240 -11.48 -40.37 29.70
N TRP A 241 -12.26 -39.74 30.58
CA TRP A 241 -12.45 -40.30 31.92
C TRP A 241 -13.15 -41.65 31.84
N MET A 242 -14.12 -41.78 30.95
CA MET A 242 -14.82 -43.06 30.81
C MET A 242 -13.87 -44.16 30.36
N GLU A 243 -12.97 -43.85 29.43
CA GLU A 243 -12.12 -44.88 28.86
C GLU A 243 -10.90 -45.17 29.74
N ILE A 244 -10.04 -44.18 29.93
CA ILE A 244 -8.75 -44.41 30.59
C ILE A 244 -8.86 -44.30 32.10
N GLY A 245 -9.37 -43.18 32.60
CA GLY A 245 -9.52 -43.00 34.03
C GLY A 245 -8.94 -41.71 34.55
N ILE A 246 -8.52 -41.70 35.82
CA ILE A 246 -8.08 -40.48 36.49
C ILE A 246 -6.90 -39.86 35.76
N SER A 247 -6.11 -40.67 35.06
CA SER A 247 -4.88 -40.19 34.45
C SER A 247 -5.12 -39.13 33.38
N CYS A 248 -6.34 -39.06 32.82
CA CYS A 248 -6.61 -38.10 31.75
C CYS A 248 -6.48 -36.66 32.24
N LEU A 249 -6.51 -36.43 33.55
CA LEU A 249 -6.34 -35.07 34.06
C LEU A 249 -4.93 -34.55 33.82
N ALA A 250 -3.93 -35.42 33.72
CA ALA A 250 -2.58 -34.95 33.41
C ALA A 250 -2.52 -34.35 32.01
N GLY A 251 -3.07 -35.07 31.03
CA GLY A 251 -3.13 -34.53 29.69
C GLY A 251 -3.98 -33.28 29.60
N MET A 252 -5.13 -33.28 30.28
CA MET A 252 -5.98 -32.10 30.27
C MET A 252 -5.27 -30.90 30.91
N ALA A 253 -4.51 -31.14 31.97
CA ALA A 253 -3.81 -30.06 32.65
C ALA A 253 -2.72 -29.48 31.76
N VAL A 254 -1.96 -30.34 31.06
CA VAL A 254 -0.96 -29.81 30.13
C VAL A 254 -1.62 -29.03 29.02
N LEU A 255 -2.74 -29.54 28.50
CA LEU A 255 -3.46 -28.83 27.44
C LEU A 255 -3.95 -27.46 27.89
N ILE A 256 -4.42 -27.37 29.14
CA ILE A 256 -4.88 -26.08 29.65
C ILE A 256 -3.71 -25.14 29.89
N ILE A 257 -2.61 -25.65 30.45
CA ILE A 257 -1.41 -24.83 30.69
C ILE A 257 -0.87 -24.29 29.37
N LEU A 258 -1.10 -25.00 28.27
CA LEU A 258 -0.64 -24.53 26.97
C LEU A 258 -1.28 -23.20 26.55
N LEU A 259 -2.40 -22.79 27.15
CA LEU A 259 -3.06 -21.56 26.72
C LEU A 259 -2.34 -20.30 27.20
N PRO A 260 -2.15 -20.08 28.51
CA PRO A 260 -1.47 -18.84 28.93
C PRO A 260 -0.05 -18.74 28.41
N LEU A 261 0.65 -19.87 28.27
CA LEU A 261 2.02 -19.83 27.76
C LEU A 261 2.04 -19.33 26.32
N GLN A 262 1.14 -19.82 25.49
CA GLN A 262 1.07 -19.32 24.12
C GLN A 262 0.66 -17.86 24.08
N SER A 263 -0.28 -17.46 24.95
CA SER A 263 -0.68 -16.05 24.99
C SER A 263 0.49 -15.15 25.37
N CYS A 264 1.28 -15.56 26.37
CA CYS A 264 2.42 -14.77 26.80
C CYS A 264 3.58 -14.83 25.81
N PHE A 265 3.63 -15.85 24.95
CA PHE A 265 4.59 -15.87 23.85
C PHE A 265 4.15 -15.02 22.68
N GLY A 266 3.16 -14.14 22.87
CA GLY A 266 2.75 -13.21 21.85
C GLY A 266 2.94 -11.77 22.29
N LYS A 267 2.78 -11.51 23.59
CA LYS A 267 2.97 -10.15 24.11
C LYS A 267 4.44 -9.75 24.15
N LEU A 268 5.36 -10.69 24.01
CA LEU A 268 6.77 -10.38 23.83
C LEU A 268 7.12 -10.21 22.36
N PHE A 269 6.52 -11.03 21.49
CA PHE A 269 6.72 -10.88 20.06
C PHE A 269 6.19 -9.55 19.57
N SER A 270 5.08 -9.09 20.13
CA SER A 270 4.55 -7.77 19.76
C SER A 270 5.54 -6.67 20.09
N SER A 271 6.17 -6.73 21.28
CA SER A 271 7.15 -5.73 21.66
C SER A 271 8.37 -5.79 20.74
N LEU A 272 8.87 -7.00 20.47
CA LEU A 272 10.06 -7.12 19.64
C LEU A 272 9.77 -6.81 18.17
N ARG A 273 8.50 -6.83 17.76
CA ARG A 273 8.15 -6.44 16.41
C ARG A 273 7.91 -4.94 16.27
N SER A 274 7.37 -4.30 17.31
CA SER A 274 7.22 -2.85 17.29
C SER A 274 8.52 -2.12 17.61
N LYS A 275 9.52 -2.83 18.14
CA LYS A 275 10.84 -2.22 18.28
C LYS A 275 11.60 -2.18 16.95
N THR A 276 11.34 -3.14 16.06
CA THR A 276 12.04 -3.19 14.78
C THR A 276 11.55 -2.10 13.82
N ALA A 277 10.26 -1.74 13.90
CA ALA A 277 9.68 -0.83 12.93
C ALA A 277 10.40 0.51 12.91
N THR A 278 10.95 0.96 14.03
CA THR A 278 11.68 2.22 14.04
C THR A 278 12.92 2.15 13.17
N PHE A 279 13.72 1.10 13.34
CA PHE A 279 14.91 0.94 12.50
C PHE A 279 14.52 0.74 11.04
N THR A 280 13.46 -0.02 10.79
CA THR A 280 13.03 -0.24 9.41
C THR A 280 12.62 1.08 8.76
N ASP A 281 11.88 1.92 9.47
CA ASP A 281 11.44 3.19 8.90
C ASP A 281 12.61 4.15 8.72
N ALA A 282 13.56 4.18 9.66
CA ALA A 282 14.73 5.01 9.48
C ALA A 282 15.53 4.58 8.25
N ARG A 283 15.72 3.27 8.09
CA ARG A 283 16.43 2.77 6.92
C ARG A 283 15.71 3.13 5.63
N ILE A 284 14.39 2.98 5.62
CA ILE A 284 13.62 3.29 4.41
C ILE A 284 13.71 4.77 4.07
N ARG A 285 13.63 5.64 5.08
CA ARG A 285 13.72 7.08 4.84
C ARG A 285 15.09 7.47 4.30
N THR A 286 16.16 6.91 4.89
CA THR A 286 17.50 7.20 4.38
C THR A 286 17.67 6.68 2.96
N MET A 287 17.10 5.51 2.66
CA MET A 287 17.15 4.98 1.31
C MET A 287 16.43 5.91 0.34
N ASN A 288 15.28 6.44 0.75
CA ASN A 288 14.54 7.38 -0.09
C ASN A 288 15.38 8.62 -0.38
N GLU A 289 16.05 9.15 0.65
CA GLU A 289 16.92 10.30 0.45
C GLU A 289 18.03 9.97 -0.55
N VAL A 290 18.67 8.81 -0.38
CA VAL A 290 19.78 8.44 -1.26
C VAL A 290 19.30 8.29 -2.70
N ILE A 291 18.16 7.63 -2.89
CA ILE A 291 17.67 7.39 -4.24
C ILE A 291 17.28 8.70 -4.91
N THR A 292 16.56 9.57 -4.19
CA THR A 292 16.09 10.81 -4.80
C THR A 292 17.25 11.76 -5.10
N GLY A 293 18.19 11.91 -4.18
CA GLY A 293 19.32 12.80 -4.41
C GLY A 293 20.55 12.09 -4.90
N ILE A 294 20.38 11.12 -5.81
CA ILE A 294 21.50 10.27 -6.20
C ILE A 294 22.53 11.04 -6.99
N ARG A 295 22.10 11.99 -7.83
CA ARG A 295 23.06 12.73 -8.65
C ARG A 295 24.01 13.55 -7.77
N ILE A 296 23.48 14.14 -6.71
CA ILE A 296 24.32 14.94 -5.80
C ILE A 296 25.34 14.05 -5.11
N ILE A 297 24.91 12.89 -4.61
CA ILE A 297 25.82 11.99 -3.92
C ILE A 297 26.93 11.53 -4.85
N LYS A 298 26.57 11.14 -6.08
CA LYS A 298 27.58 10.71 -7.04
C LYS A 298 28.52 11.84 -7.41
N MET A 299 28.01 13.08 -7.46
CA MET A 299 28.84 14.20 -7.86
C MET A 299 29.85 14.55 -6.76
N TYR A 300 29.42 14.63 -5.51
CA TYR A 300 30.32 14.97 -4.41
C TYR A 300 30.98 13.76 -3.78
N ALA A 301 30.65 12.54 -4.21
CA ALA A 301 31.26 11.31 -3.70
C ALA A 301 31.03 11.16 -2.19
N TRP A 302 29.76 11.03 -1.82
CA TRP A 302 29.35 10.79 -0.44
C TRP A 302 28.78 9.39 -0.24
N GLU A 303 28.88 8.53 -1.26
CA GLU A 303 28.28 7.21 -1.19
C GLU A 303 28.90 6.38 -0.07
N LYS A 304 30.18 6.62 0.25
CA LYS A 304 30.81 5.88 1.34
C LYS A 304 30.15 6.19 2.68
N SER A 305 29.93 7.48 2.96
CA SER A 305 29.26 7.85 4.21
C SER A 305 27.82 7.35 4.24
N PHE A 306 27.10 7.46 3.11
CA PHE A 306 25.73 6.97 3.09
C PHE A 306 25.68 5.45 3.28
N SER A 307 26.65 4.72 2.70
CA SER A 307 26.73 3.29 2.91
C SER A 307 27.03 2.97 4.37
N ASN A 308 27.89 3.77 5.01
CA ASN A 308 28.14 3.57 6.43
C ASN A 308 26.84 3.68 7.23
N LEU A 309 26.07 4.72 6.98
CA LEU A 309 24.82 4.92 7.73
C LEU A 309 23.85 3.78 7.47
N ILE A 310 23.68 3.39 6.20
CA ILE A 310 22.71 2.35 5.87
C ILE A 310 23.14 1.01 6.44
N THR A 311 24.43 0.69 6.39
CA THR A 311 24.92 -0.56 6.96
C THR A 311 24.70 -0.61 8.47
N ASN A 312 24.98 0.50 9.17
CA ASN A 312 24.75 0.51 10.62
C ASN A 312 23.28 0.28 10.94
N LEU A 313 22.38 0.96 10.23
CA LEU A 313 20.96 0.77 10.48
C LEU A 313 20.52 -0.66 10.18
N ARG A 314 21.03 -1.23 9.08
CA ARG A 314 20.65 -2.60 8.72
C ARG A 314 21.12 -3.61 9.76
N LYS A 315 22.34 -3.43 10.27
CA LYS A 315 22.82 -4.34 11.32
C LYS A 315 21.96 -4.24 12.58
N LYS A 316 21.64 -3.01 12.99
CA LYS A 316 20.81 -2.85 14.18
C LYS A 316 19.44 -3.50 13.99
N GLU A 317 18.86 -3.36 12.79
CA GLU A 317 17.56 -4.00 12.55
C GLU A 317 17.67 -5.51 12.52
N ILE A 318 18.74 -6.04 11.94
CA ILE A 318 18.88 -7.49 11.81
C ILE A 318 19.07 -8.14 13.17
N SER A 319 19.62 -7.41 14.15
CA SER A 319 19.70 -7.97 15.50
C SER A 319 18.31 -8.31 16.04
N LYS A 320 17.38 -7.36 15.98
CA LYS A 320 16.03 -7.62 16.46
C LYS A 320 15.32 -8.64 15.60
N ILE A 321 15.60 -8.66 14.29
CA ILE A 321 15.01 -9.69 13.44
C ILE A 321 15.45 -11.07 13.90
N LEU A 322 16.74 -11.23 14.23
CA LEU A 322 17.24 -12.52 14.69
C LEU A 322 16.58 -12.92 16.00
N ARG A 323 16.42 -11.98 16.93
CA ARG A 323 15.77 -12.32 18.19
C ARG A 323 14.33 -12.77 17.98
N SER A 324 13.58 -12.04 17.15
CA SER A 324 12.19 -12.42 16.90
C SER A 324 12.11 -13.75 16.17
N SER A 325 13.08 -14.04 15.29
CA SER A 325 13.06 -15.32 14.59
C SER A 325 13.35 -16.49 15.53
N CYS A 326 14.27 -16.31 16.47
CA CYS A 326 14.49 -17.36 17.47
C CYS A 326 13.23 -17.60 18.30
N LEU A 327 12.54 -16.52 18.67
CA LEU A 327 11.29 -16.69 19.43
C LEU A 327 10.24 -17.44 18.63
N ARG A 328 10.07 -17.09 17.35
CA ARG A 328 9.09 -17.78 16.51
C ARG A 328 9.45 -19.26 16.35
N GLY A 329 10.74 -19.56 16.19
CA GLY A 329 11.15 -20.94 16.07
C GLY A 329 10.87 -21.75 17.32
N MET A 330 11.12 -21.17 18.49
CA MET A 330 10.80 -21.88 19.72
C MET A 330 9.30 -22.12 19.84
N ASN A 331 8.47 -21.13 19.46
CA ASN A 331 7.03 -21.36 19.50
C ASN A 331 6.60 -22.47 18.56
N LEU A 332 7.15 -22.50 17.35
CA LEU A 332 6.76 -23.55 16.41
C LEU A 332 7.19 -24.92 16.90
N ALA A 333 8.39 -25.02 17.50
CA ALA A 333 8.81 -26.29 18.07
C ALA A 333 7.88 -26.73 19.20
N SER A 334 7.42 -25.76 20.01
CA SER A 334 6.43 -26.09 21.05
C SER A 334 5.16 -26.64 20.45
N PHE A 335 4.67 -26.03 19.36
CA PHE A 335 3.47 -26.53 18.70
C PHE A 335 3.70 -27.94 18.17
N PHE A 336 4.89 -28.22 17.67
CA PHE A 336 5.21 -29.55 17.15
C PHE A 336 5.23 -30.60 18.26
N SER A 337 5.78 -30.27 19.42
CA SER A 337 6.01 -31.26 20.47
C SER A 337 4.93 -31.30 21.54
N ALA A 338 3.92 -30.43 21.49
CA ALA A 338 2.91 -30.40 22.54
C ALA A 338 2.15 -31.72 22.64
N SER A 339 1.77 -32.30 21.49
CA SER A 339 1.00 -33.55 21.51
C SER A 339 1.81 -34.67 22.13
N LYS A 340 3.10 -34.76 21.77
CA LYS A 340 3.95 -35.79 22.36
C LYS A 340 4.06 -35.60 23.86
N ILE A 341 4.22 -34.36 24.33
CA ILE A 341 4.32 -34.14 25.77
C ILE A 341 3.04 -34.59 26.46
N ILE A 342 1.89 -34.23 25.91
CA ILE A 342 0.62 -34.60 26.54
C ILE A 342 0.49 -36.11 26.63
N VAL A 343 0.71 -36.80 25.50
CA VAL A 343 0.56 -38.26 25.48
C VAL A 343 1.55 -38.91 26.44
N PHE A 344 2.80 -38.46 26.42
CA PHE A 344 3.82 -39.07 27.26
C PHE A 344 3.46 -38.94 28.74
N VAL A 345 3.06 -37.75 29.18
CA VAL A 345 2.78 -37.57 30.59
C VAL A 345 1.53 -38.35 30.99
N THR A 346 0.50 -38.35 30.13
CA THR A 346 -0.71 -39.09 30.44
C THR A 346 -0.41 -40.57 30.64
N PHE A 347 0.30 -41.18 29.71
CA PHE A 347 0.52 -42.62 29.80
C PHE A 347 1.59 -42.98 30.83
N THR A 348 2.54 -42.09 31.10
CA THR A 348 3.45 -42.33 32.21
C THR A 348 2.69 -42.41 33.53
N THR A 349 1.75 -41.47 33.75
CA THR A 349 0.92 -41.55 34.95
C THR A 349 0.03 -42.80 34.93
N TYR A 350 -0.53 -43.11 33.76
CA TYR A 350 -1.44 -44.26 33.63
C TYR A 350 -0.74 -45.56 33.99
N VAL A 351 0.52 -45.72 33.58
CA VAL A 351 1.24 -46.95 33.91
C VAL A 351 1.77 -46.90 35.33
N LEU A 352 2.23 -45.73 35.79
CA LEU A 352 2.79 -45.64 37.14
C LEU A 352 1.74 -45.83 38.22
N LEU A 353 0.47 -45.57 37.92
CA LEU A 353 -0.58 -45.77 38.92
C LEU A 353 -0.90 -47.25 39.14
N GLY A 354 -0.19 -48.17 38.49
CA GLY A 354 -0.40 -49.58 38.68
C GLY A 354 -1.30 -50.26 37.67
N SER A 355 -1.63 -49.60 36.58
CA SER A 355 -2.51 -50.16 35.56
C SER A 355 -1.69 -50.90 34.51
N VAL A 356 -2.34 -51.30 33.42
CA VAL A 356 -1.69 -51.99 32.32
C VAL A 356 -2.08 -51.30 31.02
N ILE A 357 -1.27 -51.53 29.98
CA ILE A 357 -1.50 -50.94 28.66
C ILE A 357 -2.11 -51.99 27.75
N THR A 358 -3.23 -51.63 27.13
CA THR A 358 -3.84 -52.40 26.05
C THR A 358 -3.96 -51.50 24.83
N ALA A 359 -3.83 -52.08 23.65
CA ALA A 359 -3.80 -51.28 22.43
C ALA A 359 -5.13 -50.60 22.12
N SER A 360 -6.23 -51.01 22.77
CA SER A 360 -7.52 -50.41 22.46
C SER A 360 -7.63 -49.00 23.03
N ARG A 361 -7.23 -48.81 24.29
CA ARG A 361 -7.43 -47.53 24.97
C ARG A 361 -6.39 -46.49 24.60
N VAL A 362 -5.15 -46.91 24.35
CA VAL A 362 -4.08 -45.95 24.08
C VAL A 362 -4.37 -45.17 22.80
N PHE A 363 -4.82 -45.86 21.76
CA PHE A 363 -5.03 -45.22 20.46
C PHE A 363 -6.42 -44.63 20.32
N VAL A 364 -7.24 -44.66 21.36
CA VAL A 364 -8.38 -43.76 21.45
C VAL A 364 -8.03 -42.51 22.24
N ALA A 365 -7.27 -42.68 23.31
CA ALA A 365 -6.78 -41.51 24.04
C ALA A 365 -5.97 -40.61 23.13
N VAL A 366 -5.16 -41.19 22.24
CA VAL A 366 -4.36 -40.39 21.33
C VAL A 366 -5.26 -39.55 20.42
N THR A 367 -6.30 -40.15 19.86
CA THR A 367 -7.16 -39.43 18.93
C THR A 367 -7.97 -38.34 19.64
N LEU A 368 -8.53 -38.66 20.80
CA LEU A 368 -9.27 -37.64 21.55
C LEU A 368 -8.36 -36.48 21.93
N TYR A 369 -7.14 -36.79 22.37
CA TYR A 369 -6.19 -35.74 22.71
C TYR A 369 -5.87 -34.88 21.50
N GLY A 370 -5.67 -35.51 20.33
CA GLY A 370 -5.40 -34.72 19.15
C GLY A 370 -6.52 -33.75 18.82
N ALA A 371 -7.76 -34.23 18.84
CA ALA A 371 -8.89 -33.36 18.49
C ALA A 371 -9.02 -32.20 19.48
N VAL A 372 -9.05 -32.51 20.78
CA VAL A 372 -9.25 -31.45 21.76
C VAL A 372 -8.07 -30.49 21.77
N ARG A 373 -6.85 -30.99 21.56
CA ARG A 373 -5.69 -30.11 21.56
C ARG A 373 -5.72 -29.15 20.39
N LEU A 374 -6.08 -29.62 19.20
CA LEU A 374 -6.20 -28.70 18.08
C LEU A 374 -7.22 -27.61 18.37
N THR A 375 -8.41 -28.01 18.81
CA THR A 375 -9.47 -27.02 19.03
C THR A 375 -9.08 -26.02 20.11
N VAL A 376 -8.52 -26.50 21.23
CA VAL A 376 -8.17 -25.59 22.32
C VAL A 376 -7.01 -24.69 21.92
N THR A 377 -6.06 -25.21 21.14
CA THR A 377 -4.87 -24.44 20.82
C THR A 377 -5.16 -23.32 19.84
N LEU A 378 -5.94 -23.58 18.79
CA LEU A 378 -6.05 -22.61 17.71
C LEU A 378 -7.41 -21.91 17.67
N PHE A 379 -8.49 -22.68 17.53
CA PHE A 379 -9.76 -22.08 17.12
C PHE A 379 -10.32 -21.16 18.19
N PHE A 380 -10.23 -21.54 19.45
CA PHE A 380 -10.76 -20.68 20.50
C PHE A 380 -10.01 -19.35 20.63
N PRO A 381 -8.68 -19.32 20.71
CA PRO A 381 -8.00 -18.00 20.73
C PRO A 381 -8.23 -17.20 19.47
N SER A 382 -8.26 -17.85 18.30
CA SER A 382 -8.56 -17.11 17.07
C SER A 382 -9.95 -16.48 17.12
N ALA A 383 -10.93 -17.23 17.60
CA ALA A 383 -12.28 -16.69 17.72
C ALA A 383 -12.33 -15.52 18.68
N ILE A 384 -11.62 -15.63 19.81
CA ILE A 384 -11.63 -14.54 20.79
C ILE A 384 -11.04 -13.28 20.17
N GLU A 385 -9.90 -13.39 19.50
CA GLU A 385 -9.26 -12.23 18.91
C GLU A 385 -10.14 -11.59 17.84
N ARG A 386 -10.70 -12.41 16.96
CA ARG A 386 -11.50 -11.88 15.87
C ARG A 386 -12.77 -11.21 16.39
N VAL A 387 -13.41 -11.79 17.42
CA VAL A 387 -14.60 -11.17 17.97
C VAL A 387 -14.27 -9.84 18.63
N SER A 388 -13.14 -9.76 19.34
CA SER A 388 -12.76 -8.48 19.94
C SER A 388 -12.52 -7.41 18.87
N GLU A 389 -11.81 -7.78 17.80
CA GLU A 389 -11.55 -6.80 16.74
C GLU A 389 -12.84 -6.35 16.07
N ALA A 390 -13.76 -7.28 15.84
CA ALA A 390 -15.04 -6.89 15.23
C ALA A 390 -15.84 -5.99 16.16
N ILE A 391 -15.77 -6.22 17.47
CA ILE A 391 -16.46 -5.35 18.41
C ILE A 391 -15.90 -3.94 18.32
N VAL A 392 -14.57 -3.82 18.25
CA VAL A 392 -13.95 -2.50 18.13
C VAL A 392 -14.39 -1.81 16.85
N SER A 393 -14.42 -2.56 15.73
CA SER A 393 -14.81 -1.96 14.46
C SER A 393 -16.27 -1.52 14.47
N ILE A 394 -17.15 -2.31 15.10
CA ILE A 394 -18.55 -1.91 15.22
C ILE A 394 -18.68 -0.65 16.04
N ARG A 395 -17.90 -0.55 17.13
CA ARG A 395 -17.91 0.68 17.92
C ARG A 395 -17.49 1.88 17.09
N ARG A 396 -16.45 1.73 16.27
CA ARG A 396 -15.98 2.83 15.43
C ARG A 396 -17.05 3.25 14.42
N ILE A 397 -17.66 2.28 13.75
CA ILE A 397 -18.67 2.60 12.75
C ILE A 397 -19.89 3.23 13.39
N GLN A 398 -20.26 2.77 14.59
CA GLN A 398 -21.38 3.37 15.31
C GLN A 398 -21.08 4.82 15.67
N THR A 399 -19.88 5.09 16.19
CA THR A 399 -19.52 6.46 16.53
C THR A 399 -19.55 7.36 15.31
N PHE A 400 -19.08 6.85 14.16
CA PHE A 400 -19.18 7.65 12.94
C PHE A 400 -20.64 7.88 12.54
N LEU A 401 -21.48 6.85 12.66
CA LEU A 401 -22.86 6.96 12.21
C LEU A 401 -23.66 7.90 13.09
N LEU A 402 -23.25 8.09 14.34
CA LEU A 402 -23.95 8.99 15.24
C LEU A 402 -23.60 10.47 15.01
N LEU A 403 -22.97 10.80 13.89
CA LEU A 403 -22.58 12.17 13.63
C LEU A 403 -23.80 13.04 13.30
N ASP A 404 -23.62 14.35 13.45
CA ASP A 404 -24.65 15.31 13.12
C ASP A 404 -24.75 15.51 11.62
N GLU A 405 -25.96 15.80 11.16
CA GLU A 405 -26.25 15.98 9.74
C GLU A 405 -27.09 17.24 9.56
N ILE A 406 -27.33 17.60 8.30
CA ILE A 406 -28.17 18.76 8.01
C ILE A 406 -29.63 18.37 8.19
N SER A 407 -30.47 19.38 8.46
CA SER A 407 -31.90 19.16 8.53
C SER A 407 -32.49 19.06 7.13
N GLN A 408 -33.44 18.16 6.97
CA GLN A 408 -34.08 17.97 5.67
C GLN A 408 -34.82 19.24 5.27
N ARG A 409 -34.76 19.55 3.97
CA ARG A 409 -35.49 20.70 3.44
C ARG A 409 -36.98 20.52 3.70
N ASN A 410 -37.53 21.36 4.59
CA ASN A 410 -38.92 21.22 5.03
C ASN A 410 -39.86 21.77 3.96
N ARG A 411 -41.15 21.79 4.28
CA ARG A 411 -42.15 22.31 3.35
C ARG A 411 -41.92 23.80 3.13
N GLN A 412 -41.66 24.17 1.88
CA GLN A 412 -41.39 25.56 1.55
C GLN A 412 -42.66 26.41 1.70
N LEU A 413 -42.45 27.71 1.84
CA LEU A 413 -43.58 28.62 1.98
C LEU A 413 -44.42 28.63 0.70
N PRO A 414 -45.75 28.63 0.81
CA PRO A 414 -46.58 28.59 -0.40
C PRO A 414 -46.48 29.88 -1.20
N SER A 415 -45.93 29.77 -2.41
CA SER A 415 -45.73 30.91 -3.30
C SER A 415 -46.45 30.64 -4.63
N ASP A 416 -46.23 31.54 -5.58
CA ASP A 416 -46.84 31.44 -6.91
C ASP A 416 -46.00 30.61 -7.88
N GLY A 417 -44.89 30.04 -7.43
CA GLY A 417 -44.04 29.23 -8.27
C GLY A 417 -43.04 30.00 -9.10
N LYS A 418 -42.98 31.33 -8.97
CA LYS A 418 -42.03 32.11 -9.73
C LYS A 418 -40.60 31.84 -9.27
N LYS A 419 -39.67 31.87 -10.22
CA LYS A 419 -38.26 31.69 -9.94
C LYS A 419 -37.73 32.99 -9.36
N MET A 420 -37.54 33.02 -8.03
CA MET A 420 -37.17 34.23 -7.32
C MET A 420 -36.02 33.93 -6.37
N VAL A 421 -35.11 34.90 -6.23
CA VAL A 421 -34.02 34.80 -5.26
C VAL A 421 -34.10 36.01 -4.34
N HIS A 422 -34.09 35.78 -3.03
CA HIS A 422 -34.12 36.87 -2.07
C HIS A 422 -33.43 36.46 -0.79
N VAL A 423 -32.69 37.38 -0.19
CA VAL A 423 -32.04 37.21 1.10
C VAL A 423 -32.33 38.45 1.93
N GLN A 424 -32.68 38.27 3.20
CA GLN A 424 -33.02 39.39 4.06
C GLN A 424 -32.50 39.15 5.47
N ASP A 425 -31.78 40.13 6.01
CA ASP A 425 -31.35 40.13 7.42
C ASP A 425 -30.50 38.90 7.74
N PHE A 426 -29.64 38.52 6.80
CA PHE A 426 -28.85 37.31 6.98
C PHE A 426 -27.60 37.59 7.81
N THR A 427 -27.31 36.69 8.74
CA THR A 427 -26.10 36.77 9.55
C THR A 427 -25.80 35.37 10.04
N ALA A 428 -24.70 34.79 9.57
CA ALA A 428 -24.35 33.42 9.88
C ALA A 428 -23.04 33.37 10.66
N PHE A 429 -22.63 32.15 11.03
CA PHE A 429 -21.41 31.94 11.80
C PHE A 429 -20.81 30.61 11.36
N TRP A 430 -19.64 30.67 10.72
CA TRP A 430 -18.93 29.44 10.38
C TRP A 430 -18.52 28.69 11.65
N ASP A 431 -18.00 29.41 12.64
CA ASP A 431 -17.66 28.85 13.94
C ASP A 431 -18.45 29.59 15.01
N LYS A 432 -19.14 28.83 15.87
CA LYS A 432 -19.97 29.44 16.90
C LYS A 432 -19.15 30.14 17.96
N ALA A 433 -17.87 29.79 18.12
CA ALA A 433 -16.99 30.43 19.08
C ALA A 433 -16.25 31.62 18.49
N SER A 434 -16.43 31.91 17.19
CA SER A 434 -15.75 33.03 16.57
C SER A 434 -16.38 34.35 17.02
N GLU A 435 -15.65 35.44 16.74
CA GLU A 435 -16.09 36.78 17.15
C GLU A 435 -16.89 37.48 16.05
N THR A 436 -16.27 37.66 14.88
CA THR A 436 -16.90 38.39 13.80
C THR A 436 -17.76 37.45 12.96
N PRO A 437 -19.05 37.72 12.80
CA PRO A 437 -19.88 36.89 11.92
C PRO A 437 -19.42 37.01 10.47
N THR A 438 -19.64 35.93 9.71
CA THR A 438 -19.21 35.89 8.32
C THR A 438 -19.93 36.94 7.48
N LEU A 439 -21.24 37.10 7.71
CA LEU A 439 -22.05 38.07 6.99
C LEU A 439 -22.76 38.97 7.97
N GLN A 440 -22.86 40.26 7.63
CA GLN A 440 -23.46 41.27 8.51
C GLN A 440 -24.66 41.89 7.82
N GLY A 441 -25.85 41.36 8.11
CA GLY A 441 -27.10 41.97 7.70
C GLY A 441 -27.29 42.15 6.21
N LEU A 442 -26.97 41.13 5.42
CA LEU A 442 -27.18 41.21 3.99
C LEU A 442 -28.68 41.19 3.68
N SER A 443 -29.08 41.99 2.70
CA SER A 443 -30.50 42.06 2.31
C SER A 443 -30.56 42.52 0.87
N PHE A 444 -30.77 41.58 -0.05
CA PHE A 444 -30.92 41.90 -1.47
C PHE A 444 -31.60 40.75 -2.18
N THR A 445 -32.18 41.06 -3.34
CA THR A 445 -32.92 40.08 -4.11
C THR A 445 -32.53 40.19 -5.58
N VAL A 446 -32.66 39.07 -6.30
CA VAL A 446 -32.41 39.04 -7.73
C VAL A 446 -33.47 38.16 -8.39
N ARG A 447 -33.75 38.48 -9.65
CA ARG A 447 -34.85 37.97 -10.45
C ARG A 447 -34.31 37.50 -11.79
N PRO A 448 -35.07 36.69 -12.52
CA PRO A 448 -34.59 36.19 -13.82
C PRO A 448 -34.27 37.32 -14.78
N GLY A 449 -33.24 37.11 -15.60
CA GLY A 449 -32.79 38.10 -16.55
C GLY A 449 -31.84 39.13 -15.99
N GLU A 450 -31.42 38.99 -14.74
CA GLU A 450 -30.54 39.95 -14.09
C GLU A 450 -29.22 39.27 -13.77
N LEU A 451 -28.11 39.92 -14.11
CA LEU A 451 -26.77 39.41 -13.85
C LEU A 451 -26.17 40.23 -12.72
N LEU A 452 -25.97 39.59 -11.57
CA LEU A 452 -25.39 40.26 -10.41
C LEU A 452 -23.90 39.93 -10.32
N ALA A 453 -23.12 40.90 -9.85
CA ALA A 453 -21.68 40.75 -9.70
C ALA A 453 -21.26 41.18 -8.31
N VAL A 454 -20.20 40.54 -7.81
CA VAL A 454 -19.67 40.83 -6.48
C VAL A 454 -18.17 41.02 -6.60
N VAL A 455 -17.66 42.14 -6.09
CA VAL A 455 -16.24 42.45 -6.09
C VAL A 455 -15.86 42.97 -4.70
N GLY A 456 -14.59 43.32 -4.55
CA GLY A 456 -14.09 43.85 -3.31
C GLY A 456 -12.68 43.41 -2.99
N PRO A 457 -12.50 42.78 -1.83
CA PRO A 457 -11.16 42.37 -1.40
C PRO A 457 -10.66 41.15 -2.16
N VAL A 458 -9.51 40.62 -1.72
CA VAL A 458 -8.87 39.48 -2.37
C VAL A 458 -9.70 38.21 -2.20
N GLY A 459 -10.89 38.34 -1.62
CA GLY A 459 -11.79 37.21 -1.47
C GLY A 459 -12.30 37.01 -0.06
N ALA A 460 -12.18 38.04 0.76
CA ALA A 460 -12.66 37.99 2.14
C ALA A 460 -14.18 37.83 2.14
N GLY A 461 -14.65 36.62 2.45
CA GLY A 461 -16.07 36.33 2.42
C GLY A 461 -16.69 36.38 1.04
N LYS A 462 -15.96 35.92 0.02
CA LYS A 462 -16.48 35.94 -1.35
C LYS A 462 -17.45 34.79 -1.58
N SER A 463 -17.00 33.55 -1.32
CA SER A 463 -17.84 32.38 -1.54
C SER A 463 -18.91 32.21 -0.47
N SER A 464 -18.83 32.97 0.62
CA SER A 464 -19.83 32.83 1.68
C SER A 464 -21.21 33.29 1.21
N LEU A 465 -21.27 34.25 0.29
CA LEU A 465 -22.56 34.64 -0.27
C LEU A 465 -23.21 33.47 -1.01
N LEU A 466 -22.42 32.77 -1.83
CA LEU A 466 -22.95 31.61 -2.53
C LEU A 466 -23.32 30.50 -1.55
N SER A 467 -22.51 30.33 -0.50
CA SER A 467 -22.82 29.31 0.51
C SER A 467 -24.16 29.61 1.18
N ALA A 468 -24.39 30.86 1.55
CA ALA A 468 -25.67 31.24 2.15
C ALA A 468 -26.82 31.07 1.16
N VAL A 469 -26.58 31.41 -0.11
CA VAL A 469 -27.64 31.26 -1.12
C VAL A 469 -28.04 29.82 -1.27
N LEU A 470 -27.07 28.91 -1.34
CA LEU A 470 -27.34 27.49 -1.52
C LEU A 470 -27.77 26.79 -0.24
N GLY A 471 -27.76 27.48 0.89
CA GLY A 471 -28.08 26.85 2.16
C GLY A 471 -26.90 26.18 2.83
N GLU A 472 -25.69 26.34 2.31
CA GLU A 472 -24.52 25.74 2.92
C GLU A 472 -24.20 26.35 4.29
N LEU A 473 -24.74 27.52 4.60
CA LEU A 473 -24.50 28.18 5.86
C LEU A 473 -25.81 28.28 6.63
N ALA A 474 -25.79 27.87 7.90
CA ALA A 474 -26.99 27.86 8.71
C ALA A 474 -27.43 29.28 9.01
N PRO A 475 -28.64 29.69 8.62
CA PRO A 475 -29.10 31.05 8.92
C PRO A 475 -29.43 31.25 10.39
N SER A 476 -28.57 31.97 11.11
CA SER A 476 -28.86 32.27 12.50
C SER A 476 -30.03 33.25 12.64
N HIS A 477 -30.17 34.17 11.68
CA HIS A 477 -31.25 35.13 11.70
C HIS A 477 -31.57 35.55 10.26
N GLY A 478 -32.79 35.99 10.04
CA GLY A 478 -33.22 36.44 8.73
C GLY A 478 -34.00 35.39 7.97
N LEU A 479 -34.01 35.55 6.66
CA LEU A 479 -34.75 34.66 5.78
C LEU A 479 -34.08 34.61 4.41
N VAL A 480 -34.15 33.44 3.78
CA VAL A 480 -33.67 33.24 2.41
C VAL A 480 -34.74 32.49 1.64
N SER A 481 -35.20 33.08 0.53
CA SER A 481 -36.23 32.48 -0.31
C SER A 481 -35.62 32.24 -1.69
N VAL A 482 -35.48 30.96 -2.05
CA VAL A 482 -34.94 30.55 -3.34
C VAL A 482 -35.88 29.51 -3.93
N HIS A 483 -36.35 29.75 -5.16
CA HIS A 483 -37.25 28.84 -5.84
C HIS A 483 -36.77 28.63 -7.27
N GLY A 484 -36.78 27.38 -7.70
CA GLY A 484 -36.30 27.01 -9.02
C GLY A 484 -35.02 26.19 -8.95
N ARG A 485 -34.73 25.53 -10.05
CA ARG A 485 -33.54 24.69 -10.13
C ARG A 485 -32.27 25.55 -10.08
N ILE A 486 -31.25 25.04 -9.42
CA ILE A 486 -30.02 25.77 -9.16
C ILE A 486 -28.85 25.03 -9.82
N ALA A 487 -27.90 25.81 -10.36
CA ALA A 487 -26.64 25.28 -10.85
C ALA A 487 -25.51 26.05 -10.17
N TYR A 488 -24.53 25.32 -9.63
CA TYR A 488 -23.46 25.91 -8.84
C TYR A 488 -22.11 25.49 -9.39
N VAL A 489 -21.16 26.43 -9.40
CA VAL A 489 -19.79 26.19 -9.82
C VAL A 489 -18.89 26.44 -8.62
N SER A 490 -18.12 25.43 -8.24
CA SER A 490 -17.23 25.57 -7.09
C SER A 490 -16.03 26.44 -7.43
N GLN A 491 -15.47 27.06 -6.40
CA GLN A 491 -14.24 27.83 -6.58
C GLN A 491 -13.11 26.93 -7.08
N GLN A 492 -12.98 25.75 -6.49
CA GLN A 492 -11.99 24.78 -6.91
C GLN A 492 -12.73 23.70 -7.69
N PRO A 493 -12.51 23.57 -9.00
CA PRO A 493 -13.29 22.62 -9.80
C PRO A 493 -13.03 21.18 -9.38
N TRP A 494 -14.10 20.39 -9.37
CA TRP A 494 -14.07 19.01 -8.88
C TRP A 494 -14.50 18.07 -10.00
N VAL A 495 -13.72 17.01 -10.20
CA VAL A 495 -14.00 16.01 -11.22
C VAL A 495 -14.00 14.64 -10.56
N PHE A 496 -15.06 13.87 -10.79
CA PHE A 496 -15.24 12.57 -10.17
C PHE A 496 -14.88 11.46 -11.16
N SER A 497 -14.43 10.33 -10.59
CA SER A 497 -13.96 9.21 -11.40
C SER A 497 -15.07 8.69 -12.31
N GLY A 498 -14.72 8.45 -13.55
CA GLY A 498 -15.67 7.98 -14.53
C GLY A 498 -15.21 8.35 -15.93
N THR A 499 -16.14 8.87 -16.73
CA THR A 499 -15.83 9.37 -18.06
C THR A 499 -16.23 10.83 -18.17
N LEU A 500 -15.62 11.52 -19.13
CA LEU A 500 -15.95 12.93 -19.35
C LEU A 500 -17.42 13.08 -19.76
N ARG A 501 -17.91 12.19 -20.62
CA ARG A 501 -19.32 12.22 -20.98
C ARG A 501 -20.20 11.97 -19.76
N SER A 502 -19.85 10.99 -18.93
CA SER A 502 -20.61 10.73 -17.72
C SER A 502 -20.48 11.87 -16.73
N ASN A 503 -19.29 12.50 -16.67
CA ASN A 503 -19.11 13.65 -15.79
C ASN A 503 -20.00 14.81 -16.19
N ILE A 504 -20.13 15.06 -17.49
CA ILE A 504 -21.03 16.11 -17.95
C ILE A 504 -22.49 15.72 -17.72
N LEU A 505 -22.83 14.46 -17.96
CA LEU A 505 -24.22 14.01 -17.80
C LEU A 505 -24.66 14.13 -16.35
N PHE A 506 -23.80 13.74 -15.41
CA PHE A 506 -24.11 13.74 -13.99
C PHE A 506 -25.31 12.86 -13.66
N GLY A 507 -25.54 11.82 -14.47
CA GLY A 507 -26.57 10.85 -14.21
C GLY A 507 -27.85 11.04 -15.00
N LYS A 508 -28.08 12.23 -15.54
CA LYS A 508 -29.31 12.46 -16.30
C LYS A 508 -29.15 11.97 -17.74
N LYS A 509 -30.25 12.00 -18.48
CA LYS A 509 -30.30 11.42 -19.81
C LYS A 509 -29.39 12.18 -20.78
N TYR A 510 -29.01 11.51 -21.86
CA TYR A 510 -28.11 12.04 -22.87
C TYR A 510 -28.88 12.35 -24.14
N GLU A 511 -28.78 13.61 -24.58
CA GLU A 511 -29.38 14.04 -25.85
C GLU A 511 -28.27 14.52 -26.76
N LYS A 512 -28.26 14.00 -28.00
CA LYS A 512 -27.17 14.28 -28.92
C LYS A 512 -27.10 15.76 -29.28
N GLU A 513 -28.24 16.35 -29.65
CA GLU A 513 -28.24 17.75 -30.06
C GLU A 513 -27.86 18.68 -28.91
N ARG A 514 -28.42 18.44 -27.73
CA ARG A 514 -28.09 19.27 -26.58
C ARG A 514 -26.62 19.14 -26.20
N TYR A 515 -26.11 17.90 -26.21
CA TYR A 515 -24.70 17.69 -25.87
C TYR A 515 -23.78 18.38 -26.88
N GLU A 516 -24.09 18.27 -28.17
CA GLU A 516 -23.28 18.94 -29.18
C GLU A 516 -23.33 20.45 -29.04
N LYS A 517 -24.52 21.00 -28.78
CA LYS A 517 -24.65 22.44 -28.60
C LYS A 517 -23.86 22.92 -27.39
N VAL A 518 -23.92 22.17 -26.28
CA VAL A 518 -23.17 22.54 -25.09
C VAL A 518 -21.67 22.46 -25.35
N ILE A 519 -21.23 21.40 -26.03
CA ILE A 519 -19.80 21.25 -26.32
C ILE A 519 -19.31 22.39 -27.21
N LYS A 520 -20.08 22.74 -28.24
CA LYS A 520 -19.68 23.83 -29.12
C LYS A 520 -19.67 25.17 -28.38
N ALA A 521 -20.68 25.42 -27.55
CA ALA A 521 -20.76 26.69 -26.83
C ALA A 521 -19.72 26.79 -25.72
N CYS A 522 -19.17 25.67 -25.26
CA CYS A 522 -18.18 25.67 -24.21
C CYS A 522 -16.75 25.64 -24.73
N ALA A 523 -16.56 25.69 -26.05
CA ALA A 523 -15.23 25.69 -26.68
C ALA A 523 -14.41 24.49 -26.20
N LEU A 524 -15.07 23.33 -26.11
CA LEU A 524 -14.42 22.10 -25.67
C LEU A 524 -13.99 21.22 -26.83
N LYS A 525 -14.12 21.71 -28.07
CA LYS A 525 -13.76 20.90 -29.24
C LYS A 525 -12.28 20.56 -29.23
N LYS A 526 -11.43 21.54 -28.95
CA LYS A 526 -9.99 21.29 -28.91
C LYS A 526 -9.63 20.35 -27.77
N ASP A 527 -10.29 20.49 -26.62
CA ASP A 527 -10.04 19.60 -25.50
C ASP A 527 -10.42 18.16 -25.86
N LEU A 528 -11.54 17.98 -26.55
CA LEU A 528 -11.93 16.65 -26.99
C LEU A 528 -10.94 16.10 -28.02
N GLN A 529 -10.48 16.95 -28.94
CA GLN A 529 -9.53 16.50 -29.95
C GLN A 529 -8.22 16.06 -29.32
N LEU A 530 -7.77 16.77 -28.28
CA LEU A 530 -6.51 16.45 -27.61
C LEU A 530 -6.58 15.12 -26.87
N LEU A 531 -7.77 14.56 -26.67
CA LEU A 531 -7.93 13.28 -26.00
C LEU A 531 -8.15 12.16 -27.01
N GLU A 532 -7.66 10.97 -26.68
CA GLU A 532 -7.76 9.84 -27.58
C GLU A 532 -9.22 9.43 -27.80
N ASP A 533 -10.00 9.36 -26.72
CA ASP A 533 -11.40 8.96 -26.81
C ASP A 533 -12.35 10.13 -27.04
N GLY A 534 -11.83 11.35 -27.11
CA GLY A 534 -12.67 12.52 -27.31
C GLY A 534 -13.52 12.84 -26.09
N ASP A 535 -14.83 12.68 -26.23
CA ASP A 535 -15.75 12.93 -25.13
C ASP A 535 -15.99 11.70 -24.25
N LEU A 536 -15.46 10.54 -24.63
CA LEU A 536 -15.62 9.32 -23.87
C LEU A 536 -14.38 8.95 -23.07
N THR A 537 -13.44 9.89 -22.92
CA THR A 537 -12.19 9.59 -22.23
C THR A 537 -12.45 9.26 -20.76
N VAL A 538 -11.78 8.23 -20.25
CA VAL A 538 -11.92 7.82 -18.86
C VAL A 538 -10.98 8.67 -18.01
N ILE A 539 -11.54 9.36 -17.03
CA ILE A 539 -10.79 10.24 -16.15
C ILE A 539 -10.96 9.76 -14.71
N GLY A 540 -9.84 9.61 -14.02
CA GLY A 540 -9.84 9.19 -12.63
C GLY A 540 -9.76 10.37 -11.69
N ASP A 541 -9.26 10.10 -10.49
CA ASP A 541 -9.16 11.12 -9.46
C ASP A 541 -8.16 12.20 -9.85
N ARG A 542 -8.47 13.42 -9.41
CA ARG A 542 -7.55 14.57 -9.49
C ARG A 542 -7.23 14.98 -10.93
N GLY A 543 -7.98 14.45 -11.90
CA GLY A 543 -7.78 14.82 -13.30
C GLY A 543 -6.40 14.49 -13.83
N THR A 544 -5.93 13.28 -13.58
CA THR A 544 -4.60 12.89 -14.05
C THR A 544 -4.51 12.92 -15.57
N THR A 545 -5.61 12.65 -16.26
CA THR A 545 -5.63 12.65 -17.71
C THR A 545 -6.10 13.98 -18.30
N LEU A 546 -6.37 14.99 -17.46
CA LEU A 546 -6.87 16.27 -17.92
C LEU A 546 -6.00 17.39 -17.35
N SER A 547 -6.45 18.63 -17.56
CA SER A 547 -5.78 19.81 -17.06
C SER A 547 -6.77 20.66 -16.27
N GLY A 548 -6.24 21.65 -15.56
CA GLY A 548 -7.09 22.51 -14.73
C GLY A 548 -8.09 23.29 -15.55
N GLY A 549 -7.66 23.87 -16.66
CA GLY A 549 -8.59 24.57 -17.53
C GLY A 549 -9.64 23.65 -18.12
N GLN A 550 -9.23 22.44 -18.51
CA GLN A 550 -10.18 21.49 -19.05
C GLN A 550 -11.24 21.09 -18.03
N LYS A 551 -10.83 20.85 -16.78
CA LYS A 551 -11.82 20.45 -15.77
C LYS A 551 -12.69 21.63 -15.34
N ALA A 552 -12.15 22.84 -15.36
CA ALA A 552 -13.00 24.02 -15.12
C ALA A 552 -14.04 24.15 -16.22
N ARG A 553 -13.63 23.95 -17.48
CA ARG A 553 -14.57 23.97 -18.59
C ARG A 553 -15.61 22.86 -18.45
N VAL A 554 -15.18 21.71 -17.95
CA VAL A 554 -16.08 20.59 -17.69
C VAL A 554 -17.13 21.00 -16.67
N ASN A 555 -16.70 21.71 -15.62
CA ASN A 555 -17.62 22.19 -14.61
C ASN A 555 -18.65 23.15 -15.20
N LEU A 556 -18.18 24.09 -16.04
CA LEU A 556 -19.08 25.03 -16.67
C LEU A 556 -20.08 24.32 -17.58
N ALA A 557 -19.59 23.34 -18.34
CA ALA A 557 -20.44 22.57 -19.24
C ALA A 557 -21.48 21.81 -18.45
N ARG A 558 -21.08 21.25 -17.31
CA ARG A 558 -22.00 20.57 -16.40
C ARG A 558 -23.11 21.51 -15.95
N ALA A 559 -22.71 22.71 -15.52
CA ALA A 559 -23.67 23.68 -15.01
C ALA A 559 -24.67 24.07 -16.11
N VAL A 560 -24.17 24.29 -17.33
CA VAL A 560 -25.05 24.71 -18.42
C VAL A 560 -25.97 23.56 -18.82
N TYR A 561 -25.42 22.36 -18.96
CA TYR A 561 -26.19 21.21 -19.41
C TYR A 561 -27.21 20.74 -18.39
N GLN A 562 -27.01 21.08 -17.11
CA GLN A 562 -28.01 20.72 -16.11
C GLN A 562 -29.34 21.40 -16.35
N ASP A 563 -29.35 22.52 -17.08
CA ASP A 563 -30.57 23.24 -17.45
C ASP A 563 -31.36 23.65 -16.20
N ALA A 564 -30.72 24.49 -15.39
CA ALA A 564 -31.31 24.99 -14.16
C ALA A 564 -31.97 26.34 -14.40
N ASP A 565 -32.63 26.84 -13.36
CA ASP A 565 -33.27 28.15 -13.40
C ASP A 565 -32.40 29.24 -12.80
N ILE A 566 -31.64 28.92 -11.75
CA ILE A 566 -30.75 29.86 -11.09
C ILE A 566 -29.32 29.39 -11.27
N TYR A 567 -28.44 30.28 -11.71
CA TYR A 567 -27.05 29.94 -11.99
C TYR A 567 -26.15 30.69 -11.04
N LEU A 568 -25.21 29.96 -10.44
CA LEU A 568 -24.25 30.52 -9.49
C LEU A 568 -22.84 30.24 -10.00
N LEU A 569 -22.00 31.26 -10.03
CA LEU A 569 -20.62 31.13 -10.48
C LEU A 569 -19.68 31.68 -9.43
N ASP A 570 -18.47 31.11 -9.38
CA ASP A 570 -17.46 31.53 -8.42
C ASP A 570 -16.09 31.26 -9.02
N ASP A 571 -15.40 32.32 -9.41
CA ASP A 571 -14.06 32.24 -9.98
C ASP A 571 -14.00 31.26 -11.15
N PRO A 572 -14.76 31.51 -12.22
CA PRO A 572 -14.83 30.52 -13.31
C PRO A 572 -13.73 30.67 -14.35
N LEU A 573 -13.13 31.87 -14.44
CA LEU A 573 -12.20 32.18 -15.52
C LEU A 573 -10.81 32.56 -14.99
N SER A 574 -10.53 32.29 -13.72
CA SER A 574 -9.21 32.62 -13.19
C SER A 574 -8.14 31.62 -13.63
N ALA A 575 -8.52 30.38 -13.90
CA ALA A 575 -7.58 29.32 -14.23
C ALA A 575 -7.46 29.07 -15.72
N VAL A 576 -8.05 29.94 -16.55
CA VAL A 576 -7.98 29.76 -18.00
C VAL A 576 -7.33 31.00 -18.63
N ASP A 577 -7.11 30.95 -19.94
CA ASP A 577 -6.45 32.04 -20.66
C ASP A 577 -7.45 33.17 -20.88
N ALA A 578 -7.06 34.16 -21.68
CA ALA A 578 -7.87 35.36 -21.87
C ALA A 578 -8.94 35.20 -22.95
N GLU A 579 -8.52 34.76 -24.15
CA GLU A 579 -9.47 34.65 -25.26
C GLU A 579 -10.56 33.62 -24.98
N VAL A 580 -10.17 32.46 -24.45
CA VAL A 580 -11.14 31.42 -24.15
C VAL A 580 -12.12 31.90 -23.08
N SER A 581 -11.60 32.55 -22.04
CA SER A 581 -12.46 33.05 -20.97
C SER A 581 -13.44 34.09 -21.50
N ARG A 582 -12.96 35.01 -22.35
CA ARG A 582 -13.85 36.02 -22.90
C ARG A 582 -14.92 35.40 -23.79
N HIS A 583 -14.52 34.45 -24.65
CA HIS A 583 -15.49 33.79 -25.53
C HIS A 583 -16.54 33.04 -24.73
N LEU A 584 -16.12 32.33 -23.68
CA LEU A 584 -17.08 31.62 -22.83
C LEU A 584 -18.03 32.60 -22.15
N PHE A 585 -17.47 33.59 -21.46
CA PHE A 585 -18.30 34.54 -20.72
C PHE A 585 -19.26 35.29 -21.63
N GLU A 586 -18.89 35.46 -22.90
CA GLU A 586 -19.82 36.12 -23.82
C GLU A 586 -20.89 35.13 -24.28
N LEU A 587 -20.50 34.10 -25.03
CA LEU A 587 -21.47 33.25 -25.70
C LEU A 587 -22.27 32.41 -24.73
N CYS A 588 -21.60 31.72 -23.80
CA CYS A 588 -22.30 30.77 -22.94
C CYS A 588 -23.04 31.45 -21.80
N ILE A 589 -22.85 32.75 -21.59
CA ILE A 589 -23.51 33.43 -20.48
C ILE A 589 -24.46 34.51 -20.98
N CYS A 590 -23.91 35.54 -21.65
CA CYS A 590 -24.72 36.71 -21.96
C CYS A 590 -25.84 36.40 -22.95
N GLN A 591 -25.74 35.29 -23.68
CA GLN A 591 -26.77 34.89 -24.62
C GLN A 591 -27.64 33.76 -24.09
N ILE A 592 -27.03 32.67 -23.63
CA ILE A 592 -27.81 31.51 -23.18
C ILE A 592 -28.52 31.82 -21.87
N LEU A 593 -27.82 32.44 -20.92
CA LEU A 593 -28.33 32.62 -19.57
C LEU A 593 -29.08 33.93 -19.39
N HIS A 594 -29.34 34.66 -20.47
CA HIS A 594 -30.04 35.94 -20.36
C HIS A 594 -31.48 35.77 -19.88
N GLU A 595 -32.04 34.57 -19.97
CA GLU A 595 -33.37 34.28 -19.47
C GLU A 595 -33.36 33.53 -18.15
N LYS A 596 -32.21 33.41 -17.50
CA LYS A 596 -32.06 32.66 -16.27
C LYS A 596 -31.43 33.53 -15.19
N ILE A 597 -31.78 33.24 -13.94
CA ILE A 597 -31.19 33.95 -12.81
C ILE A 597 -29.70 33.66 -12.76
N THR A 598 -28.89 34.69 -12.56
CA THR A 598 -27.45 34.54 -12.52
C THR A 598 -26.86 35.39 -11.41
N ILE A 599 -26.01 34.78 -10.60
CA ILE A 599 -25.23 35.48 -9.58
C ILE A 599 -23.77 35.10 -9.80
N LEU A 600 -22.92 36.12 -9.98
CA LEU A 600 -21.54 35.91 -10.38
C LEU A 600 -20.59 36.58 -9.39
N VAL A 601 -19.52 35.87 -9.05
CA VAL A 601 -18.42 36.41 -8.24
C VAL A 601 -17.17 36.35 -9.09
N THR A 602 -16.54 37.50 -9.33
CA THR A 602 -15.40 37.58 -10.22
C THR A 602 -14.32 38.47 -9.63
N HIS A 603 -13.08 38.19 -10.02
CA HIS A 603 -11.93 39.02 -9.65
C HIS A 603 -11.48 39.94 -10.78
N GLN A 604 -11.89 39.66 -12.02
CA GLN A 604 -11.51 40.47 -13.17
C GLN A 604 -12.64 41.44 -13.49
N LEU A 605 -12.28 42.73 -13.63
CA LEU A 605 -13.26 43.78 -13.85
C LEU A 605 -13.71 43.89 -15.30
N GLN A 606 -13.00 43.23 -16.23
CA GLN A 606 -13.40 43.30 -17.64
C GLN A 606 -14.75 42.67 -17.90
N TYR A 607 -15.18 41.74 -17.04
CA TYR A 607 -16.49 41.13 -17.16
C TYR A 607 -17.59 41.90 -16.44
N LEU A 608 -17.23 42.96 -15.71
CA LEU A 608 -18.23 43.76 -15.03
C LEU A 608 -19.02 44.64 -15.99
N LYS A 609 -18.52 44.84 -17.21
CA LYS A 609 -19.22 45.68 -18.17
C LYS A 609 -20.59 45.11 -18.52
N ALA A 610 -20.66 43.79 -18.72
CA ALA A 610 -21.92 43.14 -19.06
C ALA A 610 -22.77 42.82 -17.83
N ALA A 611 -22.27 43.06 -16.63
CA ALA A 611 -23.00 42.77 -15.41
C ALA A 611 -24.08 43.82 -15.19
N SER A 612 -25.34 43.38 -15.10
CA SER A 612 -26.44 44.31 -14.86
C SER A 612 -26.35 44.94 -13.48
N GLN A 613 -25.96 44.16 -12.47
CA GLN A 613 -25.85 44.62 -11.10
C GLN A 613 -24.47 44.30 -10.57
N ILE A 614 -23.96 45.18 -9.71
CA ILE A 614 -22.66 45.01 -9.08
C ILE A 614 -22.79 45.36 -7.61
N LEU A 615 -22.29 44.47 -6.75
CA LEU A 615 -22.31 44.66 -5.30
C LEU A 615 -20.89 44.58 -4.76
N ILE A 616 -20.63 45.34 -3.70
CA ILE A 616 -19.32 45.36 -3.05
C ILE A 616 -19.49 44.90 -1.62
N LEU A 617 -18.68 43.93 -1.20
CA LEU A 617 -18.69 43.41 0.16
C LEU A 617 -17.30 43.52 0.74
N LYS A 618 -17.20 44.05 1.96
CA LYS A 618 -15.93 44.14 2.68
C LYS A 618 -16.15 43.65 4.10
N ASP A 619 -15.40 42.61 4.47
CA ASP A 619 -15.50 41.99 5.80
C ASP A 619 -16.93 41.52 6.10
N GLY A 620 -17.62 41.04 5.07
CA GLY A 620 -18.98 40.57 5.25
C GLY A 620 -20.00 41.66 5.52
N LYS A 621 -19.73 42.88 5.08
CA LYS A 621 -20.60 44.02 5.33
C LYS A 621 -21.12 44.58 4.01
N MET A 622 -22.40 44.96 4.01
CA MET A 622 -23.03 45.55 2.85
C MET A 622 -22.47 46.95 2.63
N VAL A 623 -21.84 47.18 1.48
CA VAL A 623 -21.11 48.42 1.21
C VAL A 623 -21.82 49.28 0.17
N GLN A 624 -21.97 48.78 -1.05
CA GLN A 624 -22.60 49.55 -2.12
C GLN A 624 -22.99 48.62 -3.25
N LYS A 625 -24.22 48.76 -3.73
CA LYS A 625 -24.71 47.99 -4.86
C LYS A 625 -25.40 48.92 -5.86
N GLY A 626 -25.29 48.58 -7.13
CA GLY A 626 -25.90 49.40 -8.17
C GLY A 626 -25.40 49.00 -9.54
N THR A 627 -25.68 49.86 -10.50
CA THR A 627 -25.28 49.60 -11.88
C THR A 627 -23.81 49.95 -12.10
N TYR A 628 -23.25 49.40 -13.17
CA TYR A 628 -21.87 49.68 -13.52
C TYR A 628 -21.67 51.16 -13.84
N THR A 629 -22.62 51.77 -14.56
CA THR A 629 -22.53 53.20 -14.84
C THR A 629 -22.58 54.02 -13.56
N GLU A 630 -23.46 53.65 -12.63
CA GLU A 630 -23.54 54.36 -11.35
C GLU A 630 -22.25 54.24 -10.57
N PHE A 631 -21.64 53.04 -10.56
CA PHE A 631 -20.37 52.87 -9.85
C PHE A 631 -19.26 53.65 -10.52
N LEU A 632 -19.27 53.75 -11.86
CA LEU A 632 -18.31 54.58 -12.55
C LEU A 632 -18.48 56.05 -12.18
N LYS A 633 -19.73 56.51 -12.10
CA LYS A 633 -19.98 57.89 -11.70
C LYS A 633 -19.59 58.14 -10.25
N SER A 634 -19.66 57.11 -9.41
CA SER A 634 -19.34 57.27 -7.98
C SER A 634 -17.88 57.65 -7.75
N GLY A 635 -16.99 57.36 -8.70
CA GLY A 635 -15.59 57.69 -8.55
C GLY A 635 -14.77 56.70 -7.75
N ILE A 636 -15.35 55.55 -7.39
CA ILE A 636 -14.66 54.53 -6.63
C ILE A 636 -14.09 53.50 -7.60
N ASP A 637 -12.79 53.22 -7.47
CA ASP A 637 -12.10 52.30 -8.36
C ASP A 637 -12.16 50.89 -7.79
N PHE A 638 -12.72 49.96 -8.56
CA PHE A 638 -12.76 48.56 -8.15
C PHE A 638 -11.36 47.96 -8.07
N GLY A 639 -10.48 48.35 -9.00
CA GLY A 639 -9.10 47.91 -8.93
C GLY A 639 -8.39 48.40 -7.67
N SER A 640 -8.64 49.66 -7.29
CA SER A 640 -8.09 50.16 -6.04
C SER A 640 -8.66 49.42 -4.84
N LEU A 641 -9.96 49.13 -4.87
CA LEU A 641 -10.59 48.35 -3.80
C LEU A 641 -10.08 46.92 -3.74
N LEU A 642 -9.52 46.41 -4.84
CA LEU A 642 -9.03 45.04 -4.89
C LEU A 642 -7.67 44.87 -4.22
N LYS A 643 -7.03 45.97 -3.80
CA LYS A 643 -5.72 45.90 -3.17
C LYS A 643 -5.89 45.69 -1.67
N LYS A 644 -5.08 44.79 -1.11
CA LYS A 644 -5.15 44.48 0.31
C LYS A 644 -3.76 44.50 0.95
N GLY A 708 10.72 -20.65 -10.53
CA GLY A 708 11.56 -21.67 -11.13
C GLY A 708 12.28 -22.52 -10.09
N PHE A 709 13.53 -22.88 -10.39
CA PHE A 709 14.37 -23.63 -9.47
C PHE A 709 15.67 -22.92 -9.13
N GLN A 710 16.25 -22.17 -10.08
CA GLN A 710 17.44 -21.40 -9.77
C GLN A 710 17.14 -20.35 -8.71
N ALA A 711 15.91 -19.88 -8.63
CA ALA A 711 15.53 -18.97 -7.55
C ALA A 711 15.69 -19.63 -6.20
N TYR A 712 15.20 -20.87 -6.07
CA TYR A 712 15.36 -21.59 -4.80
C TYR A 712 16.83 -21.87 -4.52
N LYS A 713 17.59 -22.27 -5.55
CA LYS A 713 18.99 -22.58 -5.34
C LYS A 713 19.76 -21.35 -4.86
N ASN A 714 19.51 -20.18 -5.47
CA ASN A 714 20.20 -18.97 -5.08
C ASN A 714 19.73 -18.47 -3.72
N TYR A 715 18.46 -18.65 -3.39
CA TYR A 715 17.99 -18.28 -2.06
C TYR A 715 18.66 -19.13 -0.99
N PHE A 716 18.80 -20.43 -1.24
CA PHE A 716 19.35 -21.32 -0.22
C PHE A 716 20.87 -21.18 -0.10
N ARG A 717 21.58 -21.01 -1.21
CA ARG A 717 23.03 -21.02 -1.17
C ARG A 717 23.57 -19.86 -0.33
N ALA A 718 22.97 -18.68 -0.47
CA ALA A 718 23.51 -17.50 0.21
C ALA A 718 23.48 -17.64 1.72
N GLY A 719 22.61 -18.51 2.25
CA GLY A 719 22.53 -18.65 3.70
C GLY A 719 23.74 -19.32 4.30
N ALA A 720 24.15 -20.45 3.73
CA ALA A 720 25.31 -21.21 4.21
C ALA A 720 25.67 -22.20 3.12
N HIS A 721 26.76 -22.94 3.36
CA HIS A 721 27.25 -23.90 2.37
C HIS A 721 26.26 -25.04 2.20
N TRP A 722 26.61 -26.01 1.36
CA TRP A 722 25.75 -27.17 1.16
C TRP A 722 25.87 -28.20 2.28
N ILE A 723 26.96 -28.18 3.05
CA ILE A 723 27.08 -29.09 4.18
C ILE A 723 26.02 -28.81 5.22
N VAL A 724 25.72 -27.52 5.44
CA VAL A 724 24.65 -27.17 6.36
C VAL A 724 23.30 -27.62 5.80
N PHE A 725 23.15 -27.62 4.48
CA PHE A 725 21.94 -28.17 3.86
C PHE A 725 21.80 -29.65 4.17
N ILE A 726 22.90 -30.41 4.07
CA ILE A 726 22.87 -31.83 4.41
C ILE A 726 22.53 -32.03 5.88
N PHE A 727 23.15 -31.24 6.75
CA PHE A 727 22.87 -31.35 8.18
C PHE A 727 21.42 -31.04 8.49
N LEU A 728 20.85 -30.06 7.79
CA LEU A 728 19.45 -29.71 7.99
C LEU A 728 18.54 -30.86 7.55
N ILE A 729 18.85 -31.49 6.42
CA ILE A 729 18.08 -32.65 5.99
C ILE A 729 18.11 -33.73 7.06
N LEU A 730 19.29 -34.01 7.60
CA LEU A 730 19.41 -35.03 8.64
C LEU A 730 18.61 -34.67 9.88
N LEU A 731 18.63 -33.39 10.28
CA LEU A 731 17.88 -32.99 11.46
C LEU A 731 16.38 -33.14 11.25
N ASN A 732 15.88 -32.76 10.07
CA ASN A 732 14.46 -32.95 9.78
C ASN A 732 14.08 -34.42 9.86
N THR A 733 14.86 -35.28 9.20
CA THR A 733 14.54 -36.70 9.20
C THR A 733 14.59 -37.28 10.61
N ALA A 734 15.58 -36.90 11.40
CA ALA A 734 15.68 -37.41 12.77
C ALA A 734 14.48 -36.98 13.61
N ALA A 735 14.06 -35.72 13.49
CA ALA A 735 12.92 -35.25 14.27
C ALA A 735 11.66 -36.03 13.90
N GLN A 736 11.39 -36.16 12.60
CA GLN A 736 10.18 -36.87 12.19
C GLN A 736 10.21 -38.34 12.60
N VAL A 737 11.37 -38.98 12.44
CA VAL A 737 11.50 -40.39 12.77
C VAL A 737 11.27 -40.62 14.26
N ALA A 738 11.82 -39.75 15.11
CA ALA A 738 11.58 -39.90 16.55
C ALA A 738 10.11 -39.66 16.88
N TYR A 739 9.49 -38.67 16.24
CA TYR A 739 8.07 -38.42 16.44
C TYR A 739 7.23 -39.66 16.18
N VAL A 740 7.46 -40.32 15.04
CA VAL A 740 6.71 -41.54 14.72
C VAL A 740 7.11 -42.69 15.64
N LEU A 741 8.38 -42.77 15.99
CA LEU A 741 8.89 -43.90 16.75
C LEU A 741 8.35 -43.91 18.17
N GLN A 742 7.98 -42.77 18.72
CA GLN A 742 7.34 -42.79 20.04
C GLN A 742 6.05 -43.59 20.02
N ASP A 743 5.17 -43.30 19.05
CA ASP A 743 3.91 -44.04 18.95
C ASP A 743 4.16 -45.49 18.58
N TRP A 744 5.14 -45.75 17.72
CA TRP A 744 5.48 -47.14 17.45
C TRP A 744 5.90 -47.87 18.72
N TRP A 745 6.66 -47.19 19.59
CA TRP A 745 7.06 -47.80 20.85
C TRP A 745 5.86 -48.11 21.71
N LEU A 746 4.88 -47.21 21.72
CA LEU A 746 3.66 -47.49 22.47
C LEU A 746 2.96 -48.74 21.94
N SER A 747 2.90 -48.88 20.61
CA SER A 747 2.30 -50.07 20.02
C SER A 747 3.08 -51.33 20.39
N TYR A 748 4.41 -51.25 20.36
CA TYR A 748 5.23 -52.40 20.73
C TYR A 748 4.99 -52.79 22.18
N TRP A 749 4.92 -51.80 23.07
CA TRP A 749 4.64 -52.06 24.47
C TRP A 749 3.30 -52.74 24.64
N ALA A 750 2.28 -52.26 23.92
CA ALA A 750 0.96 -52.87 24.05
C ALA A 750 0.97 -54.32 23.59
N ASN A 751 1.63 -54.61 22.46
CA ASN A 751 1.70 -55.99 21.98
C ASN A 751 2.44 -56.88 22.96
N LYS A 752 3.56 -56.39 23.49
CA LYS A 752 4.35 -57.20 24.43
C LYS A 752 3.58 -57.49 25.71
N GLN A 753 2.86 -56.49 26.22
CA GLN A 753 2.02 -56.73 27.40
C GLN A 753 0.90 -57.71 27.10
N SER A 754 0.28 -57.59 25.92
CA SER A 754 -0.81 -58.49 25.56
C SER A 754 -0.33 -59.93 25.48
N MET A 755 0.85 -60.15 24.89
CA MET A 755 1.41 -61.50 24.80
C MET A 755 2.08 -61.80 26.13
N LEU A 756 1.33 -62.43 27.03
CA LEU A 756 1.81 -62.77 28.35
C LEU A 756 0.92 -63.85 28.94
N ASN A 757 1.48 -64.59 29.90
CA ASN A 757 0.85 -65.72 30.60
C ASN A 757 -0.29 -66.40 29.84
N THR A 767 1.79 -63.28 39.57
CA THR A 767 2.00 -63.50 38.14
C THR A 767 3.23 -62.74 37.64
N GLU A 768 3.66 -63.07 36.43
CA GLU A 768 4.80 -62.39 35.83
C GLU A 768 4.45 -60.93 35.53
N LYS A 769 5.48 -60.08 35.55
CA LYS A 769 5.31 -58.66 35.31
C LYS A 769 6.37 -58.17 34.33
N LEU A 770 6.00 -57.18 33.52
CA LEU A 770 6.93 -56.55 32.61
C LEU A 770 7.85 -55.61 33.38
N ASP A 771 9.11 -55.53 32.93
CA ASP A 771 10.07 -54.63 33.55
C ASP A 771 9.69 -53.20 33.24
N LEU A 772 9.31 -52.44 34.27
CA LEU A 772 8.84 -51.07 34.05
C LEU A 772 9.98 -50.14 33.64
N ASN A 773 11.16 -50.36 34.19
CA ASN A 773 12.27 -49.43 33.99
C ASN A 773 12.65 -49.34 32.52
N TRP A 774 12.80 -50.49 31.86
CA TRP A 774 13.24 -50.50 30.47
C TRP A 774 12.27 -49.73 29.58
N TYR A 775 10.99 -50.09 29.65
CA TYR A 775 10.00 -49.48 28.77
C TYR A 775 9.86 -47.98 29.06
N LEU A 776 9.79 -47.59 30.34
CA LEU A 776 9.61 -46.18 30.65
C LEU A 776 10.85 -45.37 30.27
N GLY A 777 12.04 -45.94 30.46
CA GLY A 777 13.25 -45.24 30.07
C GLY A 777 13.34 -45.02 28.57
N ILE A 778 13.03 -46.04 27.79
CA ILE A 778 13.07 -45.87 26.34
C ILE A 778 12.01 -44.89 25.89
N TYR A 779 10.83 -44.92 26.52
CA TYR A 779 9.78 -43.95 26.21
C TYR A 779 10.26 -42.53 26.45
N SER A 780 10.85 -42.28 27.63
CA SER A 780 11.33 -40.94 27.95
C SER A 780 12.43 -40.50 26.99
N GLY A 781 13.35 -41.43 26.65
CA GLY A 781 14.40 -41.09 25.71
C GLY A 781 13.85 -40.67 24.36
N LEU A 782 12.87 -41.41 23.84
CA LEU A 782 12.29 -41.07 22.55
C LEU A 782 11.57 -39.72 22.60
N THR A 783 10.85 -39.46 23.70
CA THR A 783 10.18 -38.16 23.82
C THR A 783 11.18 -37.00 23.87
N VAL A 784 12.25 -37.15 24.65
CA VAL A 784 13.26 -36.09 24.74
C VAL A 784 13.91 -35.88 23.38
N ALA A 785 14.19 -36.97 22.67
CA ALA A 785 14.77 -36.83 21.33
C ALA A 785 13.84 -36.07 20.41
N THR A 786 12.55 -36.36 20.45
CA THR A 786 11.59 -35.64 19.61
C THR A 786 11.64 -34.14 19.91
N VAL A 787 11.59 -33.78 21.19
CA VAL A 787 11.58 -32.36 21.55
C VAL A 787 12.85 -31.67 21.07
N LEU A 788 14.00 -32.25 21.38
CA LEU A 788 15.27 -31.60 21.06
C LEU A 788 15.48 -31.47 19.55
N PHE A 789 15.16 -32.52 18.80
CA PHE A 789 15.37 -32.44 17.36
C PHE A 789 14.41 -31.47 16.70
N GLY A 790 13.17 -31.36 17.21
CA GLY A 790 12.27 -30.36 16.69
C GLY A 790 12.79 -28.94 16.92
N ILE A 791 13.26 -28.67 18.14
CA ILE A 791 13.79 -27.35 18.46
C ILE A 791 14.99 -27.03 17.56
N ALA A 792 15.91 -27.99 17.42
CA ALA A 792 17.11 -27.75 16.63
C ALA A 792 16.78 -27.50 15.16
N ARG A 793 15.87 -28.28 14.60
CA ARG A 793 15.47 -28.07 13.20
C ARG A 793 14.88 -26.68 13.02
N SER A 794 13.99 -26.27 13.92
CA SER A 794 13.36 -24.95 13.77
C SER A 794 14.40 -23.84 13.83
N LEU A 795 15.29 -23.89 14.84
CA LEU A 795 16.27 -22.82 14.99
C LEU A 795 17.21 -22.76 13.79
N LEU A 796 17.68 -23.92 13.31
CA LEU A 796 18.60 -23.90 12.18
C LEU A 796 17.93 -23.37 10.92
N VAL A 797 16.69 -23.76 10.65
CA VAL A 797 16.03 -23.25 9.45
C VAL A 797 15.88 -21.74 9.54
N PHE A 798 15.44 -21.24 10.69
CA PHE A 798 15.22 -19.80 10.83
C PHE A 798 16.53 -19.03 10.67
N TYR A 799 17.59 -19.49 11.35
CA TYR A 799 18.87 -18.78 11.25
C TYR A 799 19.41 -18.80 9.83
N VAL A 800 19.36 -19.94 9.15
CA VAL A 800 19.92 -20.03 7.81
C VAL A 800 19.18 -19.11 6.86
N LEU A 801 17.84 -19.11 6.93
CA LEU A 801 17.09 -18.27 5.99
C LEU A 801 17.27 -16.78 6.29
N VAL A 802 17.35 -16.41 7.58
CA VAL A 802 17.58 -15.01 7.91
C VAL A 802 18.95 -14.56 7.42
N ASN A 803 19.97 -15.41 7.59
CA ASN A 803 21.30 -15.06 7.09
C ASN A 803 21.30 -14.93 5.57
N SER A 804 20.55 -15.79 4.89
CA SER A 804 20.43 -15.63 3.44
C SER A 804 19.82 -14.29 3.07
N SER A 805 18.77 -13.88 3.80
CA SER A 805 18.16 -12.58 3.54
C SER A 805 19.16 -11.45 3.75
N GLN A 806 19.93 -11.52 4.83
CA GLN A 806 20.89 -10.45 5.10
C GLN A 806 21.96 -10.37 4.01
N THR A 807 22.50 -11.50 3.59
CA THR A 807 23.50 -11.48 2.53
C THR A 807 22.91 -10.93 1.23
N LEU A 808 21.69 -11.34 0.89
CA LEU A 808 21.04 -10.82 -0.31
C LEU A 808 20.90 -9.31 -0.24
N HIS A 809 20.45 -8.78 0.90
CA HIS A 809 20.26 -7.34 1.00
C HIS A 809 21.58 -6.59 0.89
N ASN A 810 22.63 -7.08 1.55
CA ASN A 810 23.91 -6.40 1.49
C ASN A 810 24.40 -6.34 0.05
N LYS A 811 24.34 -7.47 -0.65
CA LYS A 811 24.81 -7.48 -2.04
C LYS A 811 23.97 -6.54 -2.90
N MET A 812 22.66 -6.53 -2.70
CA MET A 812 21.80 -5.71 -3.56
C MET A 812 22.05 -4.23 -3.34
N PHE A 813 22.20 -3.81 -2.08
CA PHE A 813 22.48 -2.41 -1.81
C PHE A 813 23.83 -1.99 -2.37
N GLU A 814 24.86 -2.83 -2.20
CA GLU A 814 26.16 -2.48 -2.74
C GLU A 814 26.13 -2.44 -4.27
N SER A 815 25.25 -3.23 -4.90
CA SER A 815 25.15 -3.19 -6.35
C SER A 815 24.43 -1.95 -6.84
N ILE A 816 23.33 -1.57 -6.17
CA ILE A 816 22.58 -0.40 -6.62
C ILE A 816 23.36 0.89 -6.38
N LEU A 817 24.15 0.93 -5.30
CA LEU A 817 24.91 2.15 -5.02
C LEU A 817 25.93 2.49 -6.11
N LYS A 818 26.27 1.53 -6.97
CA LYS A 818 27.26 1.73 -8.01
C LYS A 818 26.65 1.71 -9.41
N ALA A 819 25.34 1.71 -9.53
CA ALA A 819 24.71 1.69 -10.85
C ALA A 819 24.85 3.06 -11.51
N PRO A 820 24.98 3.10 -12.83
CA PRO A 820 25.05 4.39 -13.53
C PRO A 820 23.70 5.08 -13.53
N VAL A 821 23.75 6.42 -13.65
CA VAL A 821 22.56 7.25 -13.54
C VAL A 821 21.53 6.94 -14.61
N LEU A 822 21.92 6.21 -15.67
CA LEU A 822 20.94 5.78 -16.66
C LEU A 822 19.87 4.90 -16.02
N PHE A 823 20.27 4.07 -15.06
CA PHE A 823 19.30 3.22 -14.36
C PHE A 823 18.29 4.05 -13.59
N PHE A 824 18.77 5.07 -12.87
CA PHE A 824 17.86 5.92 -12.10
C PHE A 824 16.99 6.77 -13.00
N ASP A 825 17.49 7.12 -14.19
CA ASP A 825 16.65 7.83 -15.16
C ASP A 825 15.57 6.92 -15.72
N ARG A 826 15.91 5.66 -15.99
CA ARG A 826 14.94 4.74 -16.56
C ARG A 826 13.93 4.24 -15.53
N ASN A 827 14.25 4.32 -14.23
CA ASN A 827 13.29 3.79 -13.28
C ASN A 827 12.76 4.88 -12.35
N PRO A 828 11.50 4.78 -11.93
CA PRO A 828 10.97 5.75 -10.96
C PRO A 828 11.49 5.49 -9.56
N ILE A 829 11.40 6.52 -8.72
CA ILE A 829 11.90 6.42 -7.36
C ILE A 829 11.06 5.44 -6.54
N GLY A 830 9.75 5.47 -6.73
CA GLY A 830 8.88 4.57 -5.99
C GLY A 830 9.18 3.12 -6.27
N ARG A 831 9.44 2.78 -7.54
CA ARG A 831 9.76 1.40 -7.88
C ARG A 831 11.07 0.97 -7.22
N ILE A 832 12.07 1.85 -7.20
CA ILE A 832 13.34 1.51 -6.56
C ILE A 832 13.15 1.26 -5.07
N LEU A 833 12.41 2.15 -4.41
CA LEU A 833 12.23 2.00 -2.97
C LEU A 833 11.31 0.85 -2.62
N ASN A 834 10.48 0.39 -3.57
CA ASN A 834 9.58 -0.72 -3.28
C ASN A 834 10.37 -1.99 -2.96
N ARG A 835 11.42 -2.27 -3.73
CA ARG A 835 12.20 -3.49 -3.51
C ARG A 835 13.06 -3.42 -2.26
N PHE A 836 13.22 -2.25 -1.66
CA PHE A 836 13.88 -2.13 -0.37
C PHE A 836 12.91 -2.09 0.80
N SER A 837 11.66 -1.71 0.56
CA SER A 837 10.68 -1.60 1.63
C SER A 837 9.83 -2.85 1.79
N LYS A 838 9.28 -3.37 0.70
CA LYS A 838 8.32 -4.46 0.75
C LYS A 838 8.97 -5.83 0.54
N ASP A 839 9.86 -5.97 -0.45
CA ASP A 839 10.44 -7.27 -0.75
C ASP A 839 11.37 -7.74 0.36
N ILE A 840 12.29 -6.88 0.80
CA ILE A 840 13.13 -7.27 1.93
C ILE A 840 12.29 -7.39 3.19
N GLY A 841 11.20 -6.63 3.29
CA GLY A 841 10.30 -6.81 4.40
C GLY A 841 9.69 -8.21 4.44
N HIS A 842 9.36 -8.75 3.28
CA HIS A 842 8.90 -10.14 3.21
C HIS A 842 10.03 -11.10 3.57
N LEU A 843 11.18 -10.94 2.92
CA LEU A 843 12.27 -11.88 3.07
C LEU A 843 12.77 -11.96 4.51
N ASP A 844 12.66 -10.86 5.26
CA ASP A 844 13.22 -10.85 6.61
C ASP A 844 12.33 -11.60 7.59
N ASP A 845 11.01 -11.50 7.46
CA ASP A 845 10.14 -11.92 8.54
C ASP A 845 8.95 -12.79 8.16
N LEU A 846 8.71 -13.07 6.88
CA LEU A 846 7.55 -13.89 6.53
C LEU A 846 7.92 -15.14 5.75
N LEU A 847 8.87 -15.03 4.81
CA LEU A 847 9.27 -16.19 4.04
C LEU A 847 9.88 -17.29 4.88
N PRO A 848 10.82 -17.04 5.80
CA PRO A 848 11.34 -18.15 6.61
C PRO A 848 10.29 -18.83 7.45
N LEU A 849 9.36 -18.09 8.03
CA LEU A 849 8.33 -18.70 8.85
C LEU A 849 7.38 -19.55 8.01
N THR A 850 6.94 -19.02 6.87
CA THR A 850 6.09 -19.83 6.00
C THR A 850 6.81 -21.07 5.52
N PHE A 851 8.10 -20.95 5.19
CA PHE A 851 8.85 -22.10 4.71
C PHE A 851 8.98 -23.17 5.79
N LEU A 852 9.28 -22.77 7.02
CA LEU A 852 9.41 -23.72 8.10
C LEU A 852 8.08 -24.41 8.39
N ASP A 853 6.99 -23.65 8.39
CA ASP A 853 5.68 -24.26 8.62
C ASP A 853 5.33 -25.27 7.54
N PHE A 854 5.61 -24.92 6.28
CA PHE A 854 5.33 -25.84 5.19
C PHE A 854 6.15 -27.12 5.31
N ILE A 855 7.43 -26.99 5.67
CA ILE A 855 8.27 -28.18 5.85
C ILE A 855 7.74 -29.04 6.98
N GLN A 856 7.34 -28.42 8.08
CA GLN A 856 6.80 -29.16 9.22
C GLN A 856 5.59 -29.99 8.80
N THR A 857 4.62 -29.35 8.16
CA THR A 857 3.39 -30.06 7.80
C THR A 857 3.65 -31.13 6.75
N LEU A 858 4.50 -30.85 5.75
CA LEU A 858 4.79 -31.84 4.74
C LEU A 858 5.45 -33.07 5.35
N LEU A 859 6.37 -32.86 6.28
CA LEU A 859 7.03 -34.00 6.92
C LEU A 859 6.03 -34.80 7.75
N GLN A 860 5.09 -34.12 8.41
CA GLN A 860 4.08 -34.88 9.18
C GLN A 860 3.20 -35.72 8.26
N VAL A 861 2.79 -35.16 7.10
CA VAL A 861 1.99 -35.95 6.15
C VAL A 861 2.79 -37.15 5.65
N VAL A 862 4.06 -36.93 5.33
CA VAL A 862 4.90 -38.03 4.86
C VAL A 862 5.02 -39.11 5.92
N GLY A 863 5.15 -38.71 7.19
CA GLY A 863 5.23 -39.69 8.26
C GLY A 863 3.95 -40.50 8.39
N VAL A 864 2.79 -39.85 8.27
CA VAL A 864 1.52 -40.56 8.34
C VAL A 864 1.43 -41.60 7.24
N VAL A 865 1.72 -41.19 6.00
CA VAL A 865 1.61 -42.12 4.88
C VAL A 865 2.64 -43.25 5.00
N SER A 866 3.84 -42.94 5.49
CA SER A 866 4.86 -43.97 5.66
C SER A 866 4.45 -44.99 6.71
N VAL A 867 3.85 -44.55 7.82
CA VAL A 867 3.38 -45.50 8.82
C VAL A 867 2.30 -46.39 8.23
N ALA A 868 1.35 -45.79 7.51
CA ALA A 868 0.28 -46.59 6.92
C ALA A 868 0.83 -47.62 5.94
N VAL A 869 1.83 -47.25 5.14
CA VAL A 869 2.41 -48.18 4.18
C VAL A 869 3.20 -49.28 4.90
N ALA A 870 3.95 -48.92 5.93
CA ALA A 870 4.78 -49.89 6.61
C ALA A 870 3.94 -50.94 7.33
N VAL A 871 2.81 -50.52 7.91
CA VAL A 871 1.96 -51.47 8.62
C VAL A 871 1.28 -52.42 7.64
N ILE A 872 0.74 -51.90 6.55
CA ILE A 872 0.08 -52.67 5.51
C ILE A 872 0.79 -52.40 4.19
N PRO A 873 1.67 -53.30 3.75
CA PRO A 873 2.49 -53.00 2.56
C PRO A 873 1.70 -52.82 1.28
N TRP A 874 0.47 -53.29 1.22
CA TRP A 874 -0.29 -53.24 -0.03
C TRP A 874 -0.96 -51.89 -0.29
N ILE A 875 -0.87 -50.94 0.65
CA ILE A 875 -1.44 -49.63 0.43
C ILE A 875 -0.66 -48.82 -0.60
N ALA A 876 0.51 -49.29 -1.02
CA ALA A 876 1.31 -48.57 -2.00
C ALA A 876 0.72 -48.63 -3.41
N ILE A 877 -0.31 -49.43 -3.64
CA ILE A 877 -0.89 -49.58 -4.97
C ILE A 877 -1.77 -48.37 -5.32
N PRO A 878 -2.75 -47.98 -4.50
CA PRO A 878 -3.61 -46.85 -4.90
C PRO A 878 -3.04 -45.48 -4.58
N LEU A 879 -1.96 -45.40 -3.80
CA LEU A 879 -1.37 -44.10 -3.53
C LEU A 879 -0.83 -43.45 -4.80
N VAL A 880 -0.36 -44.23 -5.77
CA VAL A 880 0.08 -43.65 -7.05
C VAL A 880 -1.08 -42.99 -7.79
N PRO A 881 -2.23 -43.64 -8.01
CA PRO A 881 -3.37 -42.91 -8.58
C PRO A 881 -3.81 -41.72 -7.74
N LEU A 882 -3.79 -41.84 -6.42
CA LEU A 882 -4.17 -40.69 -5.59
C LEU A 882 -3.25 -39.50 -5.78
N GLY A 883 -1.93 -39.74 -5.83
CA GLY A 883 -0.98 -38.67 -6.08
C GLY A 883 -1.11 -38.06 -7.46
N ILE A 884 -1.32 -38.90 -8.48
CA ILE A 884 -1.48 -38.37 -9.83
C ILE A 884 -2.72 -37.47 -9.90
N ILE A 885 -3.83 -37.94 -9.32
CA ILE A 885 -5.05 -37.15 -9.32
C ILE A 885 -4.85 -35.85 -8.56
N PHE A 886 -4.15 -35.91 -7.43
CA PHE A 886 -3.92 -34.69 -6.67
C PHE A 886 -3.09 -33.68 -7.45
N ILE A 887 -2.07 -34.15 -8.16
CA ILE A 887 -1.23 -33.24 -8.94
C ILE A 887 -2.05 -32.56 -10.04
N PHE A 888 -2.82 -33.36 -10.77
CA PHE A 888 -3.64 -32.79 -11.84
C PHE A 888 -4.66 -31.81 -11.28
N LEU A 889 -5.28 -32.15 -10.15
CA LEU A 889 -6.27 -31.27 -9.54
C LEU A 889 -5.64 -29.96 -9.09
N ARG A 890 -4.45 -30.02 -8.51
CA ARG A 890 -3.78 -28.78 -8.07
C ARG A 890 -3.48 -27.88 -9.27
N ARG A 891 -2.97 -28.46 -10.36
CA ARG A 891 -2.73 -27.64 -11.55
C ARG A 891 -4.03 -27.01 -12.03
N TYR A 892 -5.09 -27.81 -12.14
CA TYR A 892 -6.35 -27.32 -12.66
C TYR A 892 -6.92 -26.20 -11.81
N PHE A 893 -6.86 -26.35 -10.48
CA PHE A 893 -7.40 -25.31 -9.61
C PHE A 893 -6.58 -24.04 -9.65
N LEU A 894 -5.25 -24.17 -9.51
CA LEU A 894 -4.41 -22.98 -9.48
C LEU A 894 -4.36 -22.27 -10.81
N GLU A 895 -4.80 -22.90 -11.89
CA GLU A 895 -4.89 -22.18 -13.16
C GLU A 895 -6.01 -21.14 -13.18
N THR A 896 -6.91 -21.14 -12.19
CA THR A 896 -8.05 -20.22 -12.18
C THR A 896 -8.16 -19.47 -10.86
N SER A 897 -7.64 -20.05 -9.79
CA SER A 897 -7.71 -19.39 -8.49
C SER A 897 -6.93 -18.08 -8.50
N ARG A 898 -5.75 -18.07 -9.14
CA ARG A 898 -4.97 -16.84 -9.21
C ARG A 898 -5.69 -15.77 -10.03
N ASP A 899 -6.32 -16.19 -11.12
CA ASP A 899 -7.08 -15.25 -11.94
C ASP A 899 -8.21 -14.62 -11.15
N VAL A 900 -8.94 -15.43 -10.37
CA VAL A 900 -10.01 -14.88 -9.55
C VAL A 900 -9.45 -13.99 -8.44
N LYS A 901 -8.30 -14.35 -7.90
CA LYS A 901 -7.67 -13.52 -6.87
C LYS A 901 -7.30 -12.15 -7.40
N ARG A 902 -6.90 -12.04 -8.67
CA ARG A 902 -6.67 -10.73 -9.25
C ARG A 902 -7.95 -10.03 -9.69
N LEU A 903 -8.98 -10.78 -10.08
CA LEU A 903 -10.25 -10.18 -10.45
C LEU A 903 -10.91 -9.49 -9.25
N GLU A 904 -10.84 -10.13 -8.08
CA GLU A 904 -11.47 -9.52 -6.91
C GLU A 904 -10.64 -8.40 -6.32
N SER A 905 -9.42 -8.17 -6.82
CA SER A 905 -8.58 -7.09 -6.36
C SER A 905 -8.58 -5.88 -7.28
N THR A 906 -8.66 -6.10 -8.60
CA THR A 906 -8.74 -4.96 -9.51
C THR A 906 -10.14 -4.36 -9.59
N THR A 907 -11.14 -4.97 -8.95
CA THR A 907 -12.48 -4.41 -8.90
C THR A 907 -12.86 -3.94 -7.50
N ARG A 908 -11.89 -3.83 -6.60
CA ARG A 908 -12.15 -3.42 -5.22
C ARG A 908 -11.88 -1.94 -4.98
N SER A 909 -10.81 -1.41 -5.55
CA SER A 909 -10.38 -0.02 -5.34
C SER A 909 -11.39 1.02 -5.85
N PRO A 910 -12.14 0.78 -6.93
CA PRO A 910 -13.11 1.81 -7.36
C PRO A 910 -14.12 2.18 -6.29
N VAL A 911 -14.44 1.29 -5.35
CA VAL A 911 -15.35 1.64 -4.27
C VAL A 911 -14.76 2.76 -3.42
N PHE A 912 -13.50 2.59 -2.98
CA PHE A 912 -12.84 3.64 -2.23
C PHE A 912 -12.68 4.90 -3.06
N SER A 913 -12.33 4.76 -4.33
CA SER A 913 -12.14 5.93 -5.17
C SER A 913 -13.42 6.74 -5.29
N HIS A 914 -14.55 6.06 -5.49
CA HIS A 914 -15.83 6.77 -5.57
C HIS A 914 -16.19 7.41 -4.24
N LEU A 915 -15.97 6.70 -3.13
CA LEU A 915 -16.28 7.31 -1.83
C LEU A 915 -15.48 8.58 -1.62
N SER A 916 -14.16 8.52 -1.85
CA SER A 916 -13.32 9.70 -1.64
C SER A 916 -13.71 10.83 -2.59
N SER A 917 -13.96 10.50 -3.86
CA SER A 917 -14.30 11.55 -4.83
C SER A 917 -15.63 12.22 -4.48
N SER A 918 -16.64 11.42 -4.10
CA SER A 918 -17.91 12.01 -3.72
C SER A 918 -17.80 12.80 -2.43
N LEU A 919 -16.85 12.43 -1.56
CA LEU A 919 -16.61 13.25 -0.38
C LEU A 919 -15.99 14.60 -0.75
N GLN A 920 -15.01 14.60 -1.66
CA GLN A 920 -14.41 15.86 -2.07
C GLN A 920 -15.41 16.76 -2.78
N GLY A 921 -16.21 16.19 -3.68
CA GLY A 921 -17.16 17.00 -4.42
C GLY A 921 -18.55 17.03 -3.80
N LEU A 922 -18.59 16.91 -2.48
CA LEU A 922 -19.88 16.79 -1.78
C LEU A 922 -20.73 18.03 -1.99
N TRP A 923 -20.11 19.20 -1.93
CA TRP A 923 -20.88 20.45 -2.04
C TRP A 923 -21.52 20.57 -3.42
N THR A 924 -20.74 20.30 -4.47
CA THR A 924 -21.29 20.35 -5.82
C THR A 924 -22.38 19.30 -6.00
N ILE A 925 -22.17 18.10 -5.46
CA ILE A 925 -23.17 17.04 -5.60
C ILE A 925 -24.47 17.45 -4.93
N ARG A 926 -24.39 18.02 -3.72
CA ARG A 926 -25.59 18.42 -3.00
C ARG A 926 -26.22 19.68 -3.58
N ALA A 927 -25.46 20.50 -4.31
CA ALA A 927 -26.01 21.70 -4.92
C ALA A 927 -27.15 21.35 -5.87
N TYR A 928 -26.90 20.43 -6.79
CA TYR A 928 -27.98 19.85 -7.57
C TYR A 928 -28.72 18.81 -6.72
N LYS A 929 -29.95 18.50 -7.12
CA LYS A 929 -30.74 17.54 -6.38
C LYS A 929 -30.28 16.09 -6.60
N ALA A 930 -29.16 15.90 -7.27
CA ALA A 930 -28.71 14.57 -7.66
C ALA A 930 -27.73 14.04 -6.62
N GLU A 931 -28.26 13.34 -5.63
CA GLU A 931 -27.46 12.51 -4.74
C GLU A 931 -27.92 11.06 -4.72
N GLU A 932 -29.21 10.81 -4.97
CA GLU A 932 -29.66 9.43 -5.16
C GLU A 932 -28.97 8.78 -6.34
N ARG A 933 -28.62 9.58 -7.36
CA ARG A 933 -27.88 9.02 -8.49
C ARG A 933 -26.51 8.53 -8.07
N CYS A 934 -25.79 9.32 -7.27
CA CYS A 934 -24.49 8.88 -6.77
C CYS A 934 -24.65 7.68 -5.85
N GLN A 935 -25.72 7.64 -5.08
CA GLN A 935 -25.99 6.47 -4.24
C GLN A 935 -26.16 5.22 -5.10
N GLU A 936 -26.93 5.33 -6.19
CA GLU A 936 -27.13 4.19 -7.07
C GLU A 936 -25.82 3.77 -7.72
N LEU A 937 -24.99 4.72 -8.14
CA LEU A 937 -23.71 4.37 -8.74
C LEU A 937 -22.81 3.66 -7.74
N PHE A 938 -22.78 4.14 -6.49
CA PHE A 938 -21.98 3.46 -5.48
C PHE A 938 -22.48 2.05 -5.23
N ASP A 939 -23.81 1.87 -5.18
CA ASP A 939 -24.36 0.54 -4.99
C ASP A 939 -24.01 -0.38 -6.15
N ALA A 940 -23.99 0.16 -7.37
CA ALA A 940 -23.58 -0.64 -8.53
C ALA A 940 -22.12 -1.07 -8.41
N HIS A 941 -21.25 -0.17 -7.95
CA HIS A 941 -19.85 -0.54 -7.74
C HIS A 941 -19.72 -1.63 -6.68
N GLN A 942 -20.48 -1.51 -5.60
CA GLN A 942 -20.42 -2.52 -4.54
C GLN A 942 -20.92 -3.87 -5.05
N ASP A 943 -21.97 -3.86 -5.88
CA ASP A 943 -22.44 -5.09 -6.51
C ASP A 943 -21.35 -5.70 -7.38
N LEU A 944 -20.65 -4.86 -8.15
CA LEU A 944 -19.58 -5.39 -9.01
C LEU A 944 -18.47 -6.01 -8.19
N HIS A 945 -18.19 -5.49 -7.01
CA HIS A 945 -17.16 -6.15 -6.19
C HIS A 945 -17.66 -7.44 -5.55
N SER A 946 -18.90 -7.46 -5.06
CA SER A 946 -19.44 -8.70 -4.53
C SER A 946 -19.52 -9.78 -5.59
N GLU A 947 -19.68 -9.38 -6.86
CA GLU A 947 -19.68 -10.33 -7.97
C GLU A 947 -18.40 -11.15 -8.01
N ALA A 948 -17.27 -10.57 -7.62
CA ALA A 948 -16.00 -11.29 -7.61
C ALA A 948 -15.71 -11.94 -6.27
N TRP A 949 -16.16 -11.35 -5.17
CA TRP A 949 -16.03 -12.01 -3.88
C TRP A 949 -16.76 -13.35 -3.87
N PHE A 950 -17.91 -13.41 -4.53
CA PHE A 950 -18.67 -14.66 -4.60
C PHE A 950 -17.86 -15.76 -5.28
N LEU A 951 -17.24 -15.44 -6.41
CA LEU A 951 -16.37 -16.42 -7.09
C LEU A 951 -15.21 -16.80 -6.20
N PHE A 952 -14.64 -15.84 -5.49
CA PHE A 952 -13.52 -16.12 -4.61
C PHE A 952 -13.88 -17.17 -3.55
N LEU A 953 -15.08 -17.07 -3.00
CA LEU A 953 -15.51 -18.08 -2.02
C LEU A 953 -15.77 -19.44 -2.66
N THR A 954 -16.53 -19.45 -3.76
CA THR A 954 -17.01 -20.73 -4.28
C THR A 954 -15.89 -21.54 -4.93
N THR A 955 -14.90 -20.89 -5.55
CA THR A 955 -13.80 -21.66 -6.12
C THR A 955 -12.97 -22.34 -5.04
N SER A 956 -12.72 -21.64 -3.93
CA SER A 956 -12.00 -22.25 -2.82
C SER A 956 -12.75 -23.47 -2.30
N ARG A 957 -14.08 -23.35 -2.15
CA ARG A 957 -14.84 -24.51 -1.69
C ARG A 957 -14.79 -25.65 -2.70
N TRP A 958 -14.83 -25.33 -4.00
CA TRP A 958 -14.75 -26.37 -5.02
C TRP A 958 -13.46 -27.16 -4.90
N PHE A 959 -12.34 -26.48 -4.68
CA PHE A 959 -11.08 -27.19 -4.50
C PHE A 959 -11.07 -28.02 -3.21
N ALA A 960 -11.52 -27.44 -2.11
CA ALA A 960 -11.45 -28.14 -0.83
C ALA A 960 -12.31 -29.38 -0.81
N VAL A 961 -13.44 -29.38 -1.52
CA VAL A 961 -14.30 -30.57 -1.56
C VAL A 961 -13.53 -31.74 -2.14
N ARG A 962 -12.84 -31.53 -3.26
CA ARG A 962 -12.10 -32.61 -3.90
C ARG A 962 -10.92 -33.05 -3.04
N LEU A 963 -10.24 -32.10 -2.40
CA LEU A 963 -9.13 -32.50 -1.51
C LEU A 963 -9.63 -33.39 -0.38
N ASP A 964 -10.74 -33.01 0.25
CA ASP A 964 -11.25 -33.81 1.35
C ASP A 964 -11.80 -35.14 0.87
N ALA A 965 -12.32 -35.20 -0.35
CA ALA A 965 -12.71 -36.50 -0.90
C ALA A 965 -11.52 -37.43 -1.05
N ILE A 966 -10.39 -36.90 -1.53
CA ILE A 966 -9.18 -37.72 -1.66
C ILE A 966 -8.72 -38.22 -0.29
N CYS A 967 -8.66 -37.32 0.69
CA CYS A 967 -8.18 -37.70 2.01
C CYS A 967 -9.10 -38.72 2.67
N ALA A 968 -10.42 -38.53 2.54
CA ALA A 968 -11.37 -39.50 3.08
C ALA A 968 -11.27 -40.84 2.37
N MET A 969 -10.99 -40.84 1.08
CA MET A 969 -10.79 -42.10 0.37
C MET A 969 -9.58 -42.84 0.94
N PHE A 970 -8.50 -42.11 1.24
CA PHE A 970 -7.34 -42.75 1.87
C PHE A 970 -7.72 -43.36 3.22
N VAL A 971 -8.45 -42.62 4.03
CA VAL A 971 -8.83 -43.13 5.35
C VAL A 971 -9.69 -44.38 5.22
N ILE A 972 -10.65 -44.37 4.29
CA ILE A 972 -11.52 -45.53 4.10
C ILE A 972 -10.71 -46.74 3.65
N ILE A 973 -9.76 -46.52 2.73
CA ILE A 973 -8.94 -47.62 2.25
C ILE A 973 -8.17 -48.26 3.41
N VAL A 974 -7.57 -47.42 4.27
CA VAL A 974 -6.84 -47.97 5.41
C VAL A 974 -7.78 -48.74 6.33
N ALA A 975 -8.91 -48.13 6.69
CA ALA A 975 -9.78 -48.71 7.72
C ALA A 975 -10.45 -49.99 7.25
N PHE A 976 -10.61 -50.17 5.94
CA PHE A 976 -11.20 -51.42 5.47
C PHE A 976 -10.15 -52.45 5.10
N GLY A 977 -8.98 -52.04 4.62
CA GLY A 977 -7.92 -53.00 4.39
C GLY A 977 -7.44 -53.65 5.66
N SER A 978 -7.43 -52.90 6.77
CA SER A 978 -7.01 -53.48 8.04
C SER A 978 -7.90 -54.65 8.43
N LEU A 979 -9.21 -54.55 8.17
CA LEU A 979 -10.12 -55.65 8.45
C LEU A 979 -10.05 -56.75 7.41
N ILE A 980 -9.83 -56.39 6.14
CA ILE A 980 -9.75 -57.41 5.09
C ILE A 980 -8.56 -58.32 5.32
N LEU A 981 -7.41 -57.75 5.71
CA LEU A 981 -6.18 -58.49 5.92
C LEU A 981 -5.98 -58.90 7.37
N ALA A 982 -7.06 -59.15 8.11
CA ALA A 982 -6.99 -59.32 9.56
C ALA A 982 -6.19 -60.55 9.97
N LYS A 983 -5.90 -61.47 9.06
CA LYS A 983 -5.20 -62.69 9.41
C LYS A 983 -3.73 -62.47 9.75
N THR A 984 -3.21 -61.27 9.52
CA THR A 984 -1.79 -60.99 9.71
C THR A 984 -1.52 -59.91 10.75
N LEU A 985 -2.31 -58.84 10.77
CA LEU A 985 -2.03 -57.71 11.63
C LEU A 985 -2.35 -58.05 13.09
N ASP A 986 -2.12 -57.07 13.97
CA ASP A 986 -2.42 -57.19 15.39
C ASP A 986 -2.92 -55.85 15.89
N ALA A 987 -3.33 -55.84 17.16
CA ALA A 987 -4.07 -54.71 17.71
C ALA A 987 -3.24 -53.43 17.70
N GLY A 988 -1.99 -53.50 18.13
CA GLY A 988 -1.17 -52.29 18.18
C GLY A 988 -0.92 -51.70 16.81
N GLN A 989 -0.56 -52.55 15.84
CA GLN A 989 -0.30 -52.07 14.49
C GLN A 989 -1.55 -51.44 13.88
N VAL A 990 -2.69 -52.11 14.04
CA VAL A 990 -3.93 -51.58 13.47
C VAL A 990 -4.29 -50.25 14.12
N GLY A 991 -4.13 -50.16 15.44
CA GLY A 991 -4.44 -48.91 16.13
C GLY A 991 -3.55 -47.77 15.68
N LEU A 992 -2.26 -48.02 15.54
CA LEU A 992 -1.33 -46.99 15.10
C LEU A 992 -1.69 -46.51 13.70
N ALA A 993 -1.89 -47.44 12.77
CA ALA A 993 -2.21 -47.06 11.40
C ALA A 993 -3.50 -46.26 11.33
N LEU A 994 -4.53 -46.71 12.06
CA LEU A 994 -5.82 -46.05 12.02
C LEU A 994 -5.76 -44.66 12.64
N SER A 995 -5.05 -44.51 13.76
CA SER A 995 -4.95 -43.19 14.38
C SER A 995 -4.24 -42.19 13.47
N TYR A 996 -3.16 -42.62 12.82
CA TYR A 996 -2.49 -41.69 11.91
C TYR A 996 -3.37 -41.35 10.70
N ALA A 997 -4.07 -42.35 10.16
CA ALA A 997 -4.97 -42.08 9.05
C ALA A 997 -6.06 -41.08 9.46
N LEU A 998 -6.54 -41.18 10.69
CA LEU A 998 -7.54 -40.21 11.17
C LEU A 998 -6.95 -38.83 11.32
N THR A 999 -5.70 -38.72 11.78
CA THR A 999 -5.11 -37.40 11.98
C THR A 999 -4.75 -36.71 10.66
N LEU A 1000 -4.69 -37.45 9.55
CA LEU A 1000 -4.37 -36.80 8.26
C LEU A 1000 -5.36 -35.68 7.90
N MET A 1001 -6.57 -35.72 8.44
CA MET A 1001 -7.59 -34.70 8.20
C MET A 1001 -7.08 -33.31 8.58
N GLY A 1002 -7.35 -32.33 7.73
CA GLY A 1002 -6.95 -30.97 8.02
C GLY A 1002 -5.47 -30.71 7.78
N MET A 1003 -4.64 -31.64 8.23
CA MET A 1003 -3.20 -31.54 7.99
C MET A 1003 -2.92 -31.52 6.49
N PHE A 1004 -3.59 -32.38 5.72
CA PHE A 1004 -3.36 -32.38 4.28
C PHE A 1004 -3.68 -31.03 3.66
N GLN A 1005 -4.84 -30.46 3.98
CA GLN A 1005 -5.25 -29.20 3.39
C GLN A 1005 -4.32 -28.06 3.80
N TRP A 1006 -3.91 -28.04 5.07
CA TRP A 1006 -2.99 -27.00 5.51
C TRP A 1006 -1.66 -27.10 4.77
N CYS A 1007 -1.17 -28.31 4.53
CA CYS A 1007 0.06 -28.48 3.77
C CYS A 1007 -0.08 -27.90 2.37
N VAL A 1008 -1.20 -28.21 1.71
CA VAL A 1008 -1.39 -27.71 0.34
C VAL A 1008 -1.43 -26.19 0.32
N ARG A 1009 -2.18 -25.60 1.26
CA ARG A 1009 -2.32 -24.15 1.31
C ARG A 1009 -0.97 -23.47 1.58
N GLN A 1010 -0.18 -24.01 2.50
CA GLN A 1010 1.11 -23.41 2.79
C GLN A 1010 2.06 -23.53 1.60
N SER A 1011 2.00 -24.65 0.87
CA SER A 1011 2.82 -24.76 -0.33
C SER A 1011 2.46 -23.68 -1.34
N ALA A 1012 1.16 -23.44 -1.54
CA ALA A 1012 0.75 -22.37 -2.44
C ALA A 1012 1.25 -21.02 -1.96
N GLU A 1013 1.17 -20.78 -0.65
CA GLU A 1013 1.62 -19.49 -0.11
C GLU A 1013 3.12 -19.27 -0.32
N VAL A 1014 3.93 -20.31 -0.11
CA VAL A 1014 5.37 -20.19 -0.33
C VAL A 1014 5.67 -19.92 -1.79
N GLU A 1015 5.02 -20.66 -2.69
CA GLU A 1015 5.23 -20.43 -4.11
C GLU A 1015 4.84 -19.02 -4.51
N ASN A 1016 3.83 -18.46 -3.87
CA ASN A 1016 3.43 -17.09 -4.16
C ASN A 1016 4.44 -16.08 -3.63
N MET A 1017 4.98 -16.33 -2.44
CA MET A 1017 5.89 -15.38 -1.81
C MET A 1017 7.31 -15.41 -2.37
N MET A 1018 7.66 -16.43 -3.15
CA MET A 1018 9.02 -16.46 -3.71
C MET A 1018 9.27 -15.37 -4.76
N ILE A 1019 8.23 -14.66 -5.22
CA ILE A 1019 8.45 -13.61 -6.22
C ILE A 1019 9.30 -12.48 -5.66
N SER A 1020 9.18 -12.20 -4.36
CA SER A 1020 10.03 -11.18 -3.75
C SER A 1020 11.50 -11.56 -3.85
N VAL A 1021 11.82 -12.83 -3.57
CA VAL A 1021 13.20 -13.29 -3.73
C VAL A 1021 13.63 -13.15 -5.19
N GLU A 1022 12.73 -13.49 -6.12
CA GLU A 1022 13.07 -13.34 -7.53
C GLU A 1022 13.45 -11.91 -7.86
N ARG A 1023 12.65 -10.95 -7.40
CA ARG A 1023 12.90 -9.54 -7.70
C ARG A 1023 14.19 -9.04 -7.05
N VAL A 1024 14.41 -9.42 -5.78
CA VAL A 1024 15.64 -8.98 -5.10
C VAL A 1024 16.87 -9.52 -5.81
N ILE A 1025 16.85 -10.80 -6.17
CA ILE A 1025 17.99 -11.39 -6.88
C ILE A 1025 18.16 -10.73 -8.24
N GLU A 1026 17.05 -10.34 -8.88
CA GLU A 1026 17.15 -9.63 -10.14
C GLU A 1026 17.86 -8.29 -9.96
N TYR A 1027 17.56 -7.58 -8.87
CA TYR A 1027 18.24 -6.31 -8.63
C TYR A 1027 19.68 -6.49 -8.17
N THR A 1028 20.04 -7.68 -7.68
CA THR A 1028 21.39 -7.91 -7.19
C THR A 1028 22.42 -7.96 -8.31
N ASP A 1029 22.00 -8.05 -9.57
CA ASP A 1029 22.94 -8.23 -10.67
C ASP A 1029 22.75 -7.11 -11.69
N LEU A 1030 22.75 -5.87 -11.22
CA LEU A 1030 22.59 -4.73 -12.08
C LEU A 1030 23.93 -4.29 -12.66
N GLU A 1031 23.86 -3.33 -13.59
CA GLU A 1031 25.07 -2.83 -14.24
C GLU A 1031 25.96 -2.11 -13.23
N LYS A 1032 27.21 -1.89 -13.64
CA LYS A 1032 28.17 -1.19 -12.80
C LYS A 1032 28.97 -0.22 -13.65
N GLU A 1033 29.47 0.83 -13.01
CA GLU A 1033 30.24 1.87 -13.67
C GLU A 1033 31.74 1.58 -13.50
N ALA A 1034 32.56 2.55 -13.92
CA ALA A 1034 34.00 2.39 -13.84
C ALA A 1034 34.44 2.29 -12.38
N PRO A 1035 35.54 1.59 -12.12
CA PRO A 1035 36.02 1.46 -10.73
C PRO A 1035 36.37 2.81 -10.13
N TRP A 1036 36.15 2.93 -8.82
CA TRP A 1036 36.44 4.18 -8.13
C TRP A 1036 37.93 4.50 -8.17
N GLU A 1037 38.77 3.51 -7.95
CA GLU A 1037 40.22 3.69 -7.93
C GLU A 1037 40.84 2.87 -9.06
N TYR A 1038 41.76 3.48 -9.79
CA TYR A 1038 42.44 2.83 -10.89
C TYR A 1038 43.84 2.38 -10.46
N GLN A 1039 44.50 1.64 -11.37
CA GLN A 1039 45.85 1.19 -11.09
C GLN A 1039 46.82 2.35 -10.98
N LYS A 1040 46.68 3.36 -11.84
CA LYS A 1040 47.56 4.52 -11.86
C LYS A 1040 47.00 5.57 -10.93
N ARG A 1041 47.44 5.55 -9.67
CA ARG A 1041 47.05 6.57 -8.73
C ARG A 1041 47.66 7.92 -9.13
N PRO A 1042 46.89 8.99 -9.02
CA PRO A 1042 47.37 10.29 -9.49
C PRO A 1042 48.25 10.95 -8.44
N PRO A 1043 49.21 11.76 -8.86
CA PRO A 1043 49.95 12.58 -7.91
C PRO A 1043 49.01 13.56 -7.24
N PRO A 1044 49.24 13.88 -5.97
CA PRO A 1044 48.32 14.79 -5.26
C PRO A 1044 48.57 16.25 -5.62
N ALA A 1045 48.79 16.52 -6.90
CA ALA A 1045 48.90 17.88 -7.41
C ALA A 1045 48.27 17.96 -8.79
N TRP A 1046 47.28 17.10 -9.06
CA TRP A 1046 46.71 17.00 -10.40
C TRP A 1046 46.01 18.27 -10.85
N PRO A 1047 45.16 18.95 -10.02
CA PRO A 1047 44.65 20.27 -10.36
C PRO A 1047 45.55 21.42 -9.89
N HIS A 1048 46.85 21.31 -10.17
CA HIS A 1048 47.79 22.33 -9.71
C HIS A 1048 47.63 23.65 -10.44
N GLU A 1049 47.28 23.64 -11.72
CA GLU A 1049 47.14 24.90 -12.46
C GLU A 1049 45.71 25.09 -12.94
N GLY A 1050 45.15 24.09 -13.62
CA GLY A 1050 43.76 24.15 -14.01
C GLY A 1050 43.50 24.26 -15.50
N VAL A 1051 44.41 23.72 -16.32
CA VAL A 1051 44.23 23.74 -17.76
C VAL A 1051 43.17 22.73 -18.17
N ILE A 1052 42.27 23.15 -19.06
CA ILE A 1052 41.18 22.31 -19.55
C ILE A 1052 41.29 22.22 -21.07
N ILE A 1053 41.15 21.01 -21.60
CA ILE A 1053 41.20 20.78 -23.04
C ILE A 1053 40.02 19.90 -23.44
N PHE A 1054 39.24 20.37 -24.41
CA PHE A 1054 38.17 19.57 -25.01
C PHE A 1054 38.59 19.28 -26.45
N ASP A 1055 38.60 18.00 -26.82
CA ASP A 1055 39.07 17.57 -28.14
C ASP A 1055 38.12 16.50 -28.66
N ASN A 1056 37.29 16.89 -29.64
CA ASN A 1056 36.38 15.97 -30.32
C ASN A 1056 35.48 15.23 -29.33
N VAL A 1057 34.78 16.03 -28.52
CA VAL A 1057 33.96 15.51 -27.43
C VAL A 1057 32.52 15.41 -27.91
N ASN A 1058 31.99 14.19 -27.89
CA ASN A 1058 30.60 13.93 -28.23
C ASN A 1058 29.96 13.19 -27.06
N PHE A 1059 28.76 13.63 -26.66
CA PHE A 1059 28.09 13.10 -25.49
C PHE A 1059 26.66 12.70 -25.83
N MET A 1060 26.25 11.55 -25.30
CA MET A 1060 24.87 11.07 -25.43
C MET A 1060 24.46 10.43 -24.11
N TYR A 1061 23.26 10.76 -23.63
CA TYR A 1061 22.81 10.24 -22.35
C TYR A 1061 22.57 8.73 -22.40
N SER A 1062 22.13 8.21 -23.54
CA SER A 1062 21.85 6.79 -23.69
C SER A 1062 22.57 6.26 -24.91
N PRO A 1063 22.98 4.98 -24.88
CA PRO A 1063 23.66 4.40 -26.04
C PRO A 1063 22.71 4.26 -27.23
N GLY A 1064 23.14 4.77 -28.37
CA GLY A 1064 22.32 4.74 -29.57
C GLY A 1064 21.30 5.86 -29.69
N GLY A 1065 21.21 6.73 -28.69
CA GLY A 1065 20.27 7.83 -28.73
C GLY A 1065 20.78 8.99 -29.54
N PRO A 1066 19.93 10.01 -29.69
CA PRO A 1066 20.33 11.20 -30.45
C PRO A 1066 21.52 11.89 -29.80
N LEU A 1067 22.41 12.41 -30.64
CA LEU A 1067 23.61 13.08 -30.16
C LEU A 1067 23.27 14.42 -29.53
N VAL A 1068 24.05 14.80 -28.51
CA VAL A 1068 23.90 16.07 -27.82
C VAL A 1068 25.06 17.00 -28.14
N LEU A 1069 26.30 16.48 -28.09
CA LEU A 1069 27.49 17.24 -28.41
C LEU A 1069 28.16 16.67 -29.65
N LYS A 1070 28.64 17.54 -30.52
CA LYS A 1070 29.27 17.15 -31.78
C LYS A 1070 30.60 17.88 -31.93
N HIS A 1071 31.70 17.17 -31.66
CA HIS A 1071 33.05 17.63 -31.94
C HIS A 1071 33.34 18.96 -31.23
N LEU A 1072 33.30 18.92 -29.90
CA LEU A 1072 33.69 20.07 -29.11
C LEU A 1072 35.20 20.19 -29.06
N THR A 1073 35.72 21.36 -29.43
CA THR A 1073 37.16 21.59 -29.46
C THR A 1073 37.44 22.96 -28.86
N ALA A 1074 38.13 22.99 -27.74
CA ALA A 1074 38.40 24.25 -27.06
C ALA A 1074 39.52 24.06 -26.03
N LEU A 1075 40.08 25.19 -25.61
CA LEU A 1075 41.09 25.22 -24.55
C LEU A 1075 40.72 26.30 -23.55
N ILE A 1076 40.74 25.95 -22.27
CA ILE A 1076 40.42 26.87 -21.18
C ILE A 1076 41.67 26.98 -20.32
N LYS A 1077 42.15 28.21 -20.13
CA LYS A 1077 43.39 28.45 -19.40
C LYS A 1077 43.12 28.60 -17.91
N SER A 1078 44.20 28.72 -17.14
CA SER A 1078 44.12 28.78 -15.69
C SER A 1078 43.60 30.14 -15.23
N GLN A 1079 42.93 30.12 -14.08
CA GLN A 1079 42.45 31.29 -13.34
C GLN A 1079 41.43 32.11 -14.11
N GLU A 1080 41.06 31.72 -15.32
CA GLU A 1080 40.14 32.50 -16.13
C GLU A 1080 38.70 32.14 -15.81
N LYS A 1081 37.82 33.12 -15.94
CA LYS A 1081 36.40 32.94 -15.70
C LYS A 1081 35.68 32.83 -17.04
N VAL A 1082 35.05 31.68 -17.28
CA VAL A 1082 34.41 31.39 -18.56
C VAL A 1082 32.92 31.21 -18.32
N GLY A 1083 32.10 31.96 -19.06
CA GLY A 1083 30.66 31.85 -18.98
C GLY A 1083 30.10 30.99 -20.09
N ILE A 1084 28.95 30.38 -19.82
CA ILE A 1084 28.26 29.52 -20.77
C ILE A 1084 26.92 30.13 -21.10
N VAL A 1085 26.66 30.34 -22.40
CA VAL A 1085 25.40 30.90 -22.87
C VAL A 1085 24.84 30.02 -23.96
N GLY A 1086 23.54 30.18 -24.21
CA GLY A 1086 22.87 29.43 -25.25
C GLY A 1086 21.38 29.42 -25.02
N ARG A 1087 20.68 28.89 -26.02
CA ARG A 1087 19.23 28.77 -25.93
C ARG A 1087 18.84 27.56 -25.10
N THR A 1088 17.60 27.56 -24.63
CA THR A 1088 17.09 26.45 -23.84
C THR A 1088 17.05 25.18 -24.67
N GLY A 1089 17.52 24.08 -24.11
CA GLY A 1089 17.58 22.82 -24.81
C GLY A 1089 18.78 22.64 -25.72
N ALA A 1090 19.65 23.64 -25.82
CA ALA A 1090 20.80 23.58 -26.72
C ALA A 1090 22.04 23.00 -26.02
N GLY A 1091 21.87 21.85 -25.38
CA GLY A 1091 22.98 21.15 -24.77
C GLY A 1091 23.70 21.94 -23.69
N LYS A 1092 22.97 22.74 -22.92
CA LYS A 1092 23.61 23.53 -21.87
C LYS A 1092 24.18 22.62 -20.78
N SER A 1093 23.31 21.91 -20.06
CA SER A 1093 23.74 21.09 -18.93
C SER A 1093 24.25 19.74 -19.40
N SER A 1094 25.17 19.73 -20.35
CA SER A 1094 25.80 18.51 -20.82
C SER A 1094 27.31 18.53 -20.68
N LEU A 1095 27.95 19.69 -20.87
CA LEU A 1095 29.39 19.78 -20.68
C LEU A 1095 29.78 19.47 -19.24
N ILE A 1096 28.92 19.85 -18.27
CA ILE A 1096 29.20 19.55 -16.88
C ILE A 1096 29.19 18.04 -16.63
N SER A 1097 28.19 17.34 -17.17
CA SER A 1097 28.14 15.89 -17.00
C SER A 1097 29.30 15.23 -17.73
N ALA A 1098 29.70 15.76 -18.89
CA ALA A 1098 30.87 15.24 -19.59
C ALA A 1098 32.13 15.42 -18.77
N LEU A 1099 32.27 16.56 -18.10
CA LEU A 1099 33.44 16.81 -17.27
C LEU A 1099 33.45 15.90 -16.05
N PHE A 1100 32.28 15.63 -15.48
CA PHE A 1100 32.20 14.75 -14.31
C PHE A 1100 32.16 13.28 -14.67
N ARG A 1101 32.14 12.94 -15.96
CA ARG A 1101 32.10 11.55 -16.43
C ARG A 1101 30.87 10.82 -15.89
N LEU A 1102 29.74 11.52 -15.83
CA LEU A 1102 28.49 10.86 -15.44
C LEU A 1102 28.13 9.77 -16.45
N SER A 1103 28.31 10.06 -17.74
CA SER A 1103 28.23 9.06 -18.78
C SER A 1103 29.51 9.11 -19.59
N GLU A 1104 29.94 7.95 -20.09
CA GLU A 1104 31.23 7.86 -20.75
C GLU A 1104 31.20 8.65 -22.04
N PRO A 1105 32.08 9.63 -22.22
CA PRO A 1105 32.06 10.45 -23.43
C PRO A 1105 32.80 9.79 -24.57
N GLU A 1106 32.66 10.38 -25.76
CA GLU A 1106 33.34 9.92 -26.95
C GLU A 1106 34.33 11.00 -27.37
N GLY A 1107 35.62 10.72 -27.20
CA GLY A 1107 36.68 11.66 -27.49
C GLY A 1107 37.69 11.68 -26.37
N LYS A 1108 38.48 12.75 -26.34
CA LYS A 1108 39.53 12.91 -25.35
C LYS A 1108 39.38 14.25 -24.66
N ILE A 1109 39.56 14.26 -23.34
CA ILE A 1109 39.54 15.47 -22.53
C ILE A 1109 40.79 15.45 -21.66
N TRP A 1110 41.58 16.51 -21.75
CA TRP A 1110 42.88 16.59 -21.09
C TRP A 1110 42.84 17.64 -19.99
N ILE A 1111 43.15 17.20 -18.76
CA ILE A 1111 43.34 18.11 -17.63
C ILE A 1111 44.78 17.92 -17.17
N ASP A 1112 45.55 19.01 -17.18
CA ASP A 1112 46.95 19.00 -16.75
C ASP A 1112 47.72 17.91 -17.51
N LYS A 1113 47.46 17.83 -18.82
CA LYS A 1113 48.06 16.86 -19.72
C LYS A 1113 47.86 15.42 -19.24
N ILE A 1114 46.68 15.17 -18.65
CA ILE A 1114 46.29 13.82 -18.25
C ILE A 1114 44.85 13.58 -18.69
N LEU A 1115 44.60 12.40 -19.25
CA LEU A 1115 43.27 12.04 -19.71
C LEU A 1115 42.39 11.66 -18.52
N THR A 1116 41.12 12.07 -18.58
CA THR A 1116 40.19 11.74 -17.50
C THR A 1116 39.93 10.24 -17.42
N THR A 1117 39.83 9.57 -18.56
CA THR A 1117 39.49 8.15 -18.58
C THR A 1117 40.58 7.26 -18.01
N GLU A 1118 41.78 7.79 -17.80
CA GLU A 1118 42.87 7.01 -17.25
C GLU A 1118 42.94 7.05 -15.73
N ILE A 1119 42.02 7.76 -15.09
CA ILE A 1119 42.03 7.93 -13.64
C ILE A 1119 40.68 7.49 -13.08
N GLY A 1120 40.68 7.06 -11.82
CA GLY A 1120 39.47 6.62 -11.18
C GLY A 1120 38.49 7.75 -10.93
N LEU A 1121 37.21 7.38 -10.85
CA LEU A 1121 36.15 8.37 -10.69
C LEU A 1121 36.26 9.09 -9.36
N HIS A 1122 36.65 8.39 -8.30
CA HIS A 1122 36.79 9.03 -6.99
C HIS A 1122 38.02 9.93 -6.95
N ASP A 1123 38.94 9.80 -7.90
CA ASP A 1123 40.07 10.71 -8.01
C ASP A 1123 39.80 11.83 -9.01
N LEU A 1124 38.61 11.88 -9.59
CA LEU A 1124 38.21 12.91 -10.54
C LEU A 1124 37.10 13.79 -10.01
N ARG A 1125 36.03 13.20 -9.47
CA ARG A 1125 34.91 13.97 -8.96
C ARG A 1125 35.21 14.63 -7.63
N LYS A 1126 36.18 14.11 -6.87
CA LYS A 1126 36.36 14.54 -5.48
C LYS A 1126 36.86 15.98 -5.40
N LYS A 1127 37.90 16.31 -6.16
CA LYS A 1127 38.62 17.57 -6.00
C LYS A 1127 38.34 18.58 -7.12
N MET A 1128 37.13 18.59 -7.66
CA MET A 1128 36.62 19.70 -8.45
C MET A 1128 35.19 19.94 -8.03
N SER A 1129 34.85 21.20 -7.74
CA SER A 1129 33.62 21.53 -7.03
C SER A 1129 32.57 22.08 -7.99
N ILE A 1130 31.30 21.89 -7.61
CA ILE A 1130 30.17 22.35 -8.40
C ILE A 1130 29.10 22.91 -7.47
N ILE A 1131 28.53 24.05 -7.86
CA ILE A 1131 27.36 24.62 -7.20
C ILE A 1131 26.16 24.34 -8.10
N PRO A 1132 25.23 23.48 -7.70
CA PRO A 1132 24.14 23.09 -8.60
C PRO A 1132 23.01 24.11 -8.65
N GLN A 1133 21.94 23.77 -9.38
CA GLN A 1133 20.79 24.66 -9.49
C GLN A 1133 20.11 24.84 -8.14
N GLU A 1134 19.59 23.74 -7.58
CA GLU A 1134 18.95 23.76 -6.27
C GLU A 1134 19.75 22.89 -5.30
N PRO A 1135 20.34 23.45 -4.25
CA PRO A 1135 21.03 22.62 -3.27
C PRO A 1135 20.07 21.76 -2.48
N VAL A 1136 20.60 20.67 -1.94
CA VAL A 1136 19.84 19.74 -1.11
C VAL A 1136 20.58 19.54 0.20
N LEU A 1137 19.84 19.57 1.30
CA LEU A 1137 20.39 19.30 2.63
C LEU A 1137 19.83 17.97 3.12
N PHE A 1138 20.73 17.03 3.40
CA PHE A 1138 20.34 15.70 3.85
C PHE A 1138 20.18 15.68 5.36
N THR A 1139 19.31 14.80 5.83
CA THR A 1139 19.03 14.70 7.26
C THR A 1139 20.27 14.30 8.02
N GLY A 1140 20.65 15.12 8.99
CA GLY A 1140 21.84 14.87 9.78
C GLY A 1140 22.36 16.15 10.38
N THR A 1141 23.54 16.04 11.00
CA THR A 1141 24.15 17.19 11.64
C THR A 1141 24.69 18.16 10.60
N MET A 1142 24.80 19.43 10.99
CA MET A 1142 25.42 20.42 10.12
C MET A 1142 26.89 20.10 9.86
N ARG A 1143 27.58 19.53 10.86
CA ARG A 1143 28.95 19.08 10.65
C ARG A 1143 29.00 18.00 9.57
N LYS A 1144 28.06 17.06 9.61
CA LYS A 1144 27.98 16.04 8.56
C LYS A 1144 27.70 16.66 7.20
N ASN A 1145 26.77 17.62 7.15
CA ASN A 1145 26.37 18.23 5.89
C ASN A 1145 27.53 18.99 5.26
N LEU A 1146 28.29 19.73 6.05
CA LEU A 1146 29.40 20.50 5.52
C LEU A 1146 30.71 19.74 5.42
N ASP A 1147 30.78 18.54 6.00
CA ASP A 1147 32.00 17.73 5.93
C ASP A 1147 31.69 16.29 6.30
N PRO A 1148 31.16 15.50 5.35
CA PRO A 1148 30.85 14.09 5.68
C PRO A 1148 32.06 13.29 6.10
N PHE A 1149 33.24 13.59 5.57
CA PHE A 1149 34.45 12.83 5.87
C PHE A 1149 35.23 13.37 7.06
N ASN A 1150 34.75 14.44 7.70
CA ASN A 1150 35.38 15.02 8.89
C ASN A 1150 36.83 15.42 8.62
N GLU A 1151 37.05 16.10 7.49
CA GLU A 1151 38.37 16.57 7.11
C GLU A 1151 38.66 17.99 7.57
N HIS A 1152 37.71 18.64 8.23
CA HIS A 1152 37.88 20.01 8.69
C HIS A 1152 37.56 20.10 10.17
N THR A 1153 38.25 21.02 10.85
CA THR A 1153 38.10 21.18 12.29
C THR A 1153 37.03 22.22 12.60
N ASP A 1154 36.77 22.39 13.91
CA ASP A 1154 35.73 23.32 14.34
C ASP A 1154 36.08 24.75 13.96
N GLU A 1155 37.35 25.14 14.12
CA GLU A 1155 37.74 26.50 13.76
C GLU A 1155 37.57 26.75 12.27
N GLU A 1156 37.95 25.78 11.44
CA GLU A 1156 37.79 25.93 9.99
C GLU A 1156 36.32 26.00 9.61
N LEU A 1157 35.48 25.16 10.22
CA LEU A 1157 34.05 25.18 9.89
C LEU A 1157 33.42 26.51 10.28
N TRP A 1158 33.77 27.03 11.46
CA TRP A 1158 33.24 28.33 11.87
C TRP A 1158 33.77 29.44 10.98
N ASN A 1159 35.04 29.34 10.55
CA ASN A 1159 35.59 30.32 9.65
C ASN A 1159 34.83 30.35 8.32
N ALA A 1160 34.52 29.17 7.79
CA ALA A 1160 33.73 29.11 6.55
C ALA A 1160 32.33 29.69 6.76
N LEU A 1161 31.70 29.36 7.89
CA LEU A 1161 30.35 29.86 8.15
C LEU A 1161 30.35 31.38 8.26
N GLN A 1162 31.34 31.97 8.94
CA GLN A 1162 31.38 33.42 9.05
C GLN A 1162 31.79 34.07 7.74
N GLU A 1163 32.59 33.39 6.92
CA GLU A 1163 32.93 33.92 5.61
C GLU A 1163 31.74 33.94 4.68
N VAL A 1164 30.81 33.00 4.84
CA VAL A 1164 29.55 33.02 4.09
C VAL A 1164 28.44 33.73 4.88
N GLN A 1165 28.76 34.31 6.02
CA GLN A 1165 27.82 35.09 6.84
C GLN A 1165 26.66 34.25 7.36
N LEU A 1166 26.85 32.94 7.53
CA LEU A 1166 25.85 32.08 8.13
C LEU A 1166 26.19 31.68 9.56
N LYS A 1167 27.32 32.14 10.10
CA LYS A 1167 27.72 31.76 11.44
C LYS A 1167 26.70 32.25 12.46
N GLU A 1168 26.27 33.51 12.34
CA GLU A 1168 25.28 34.06 13.25
C GLU A 1168 23.94 33.35 13.12
N THR A 1169 23.52 33.06 11.88
CA THR A 1169 22.28 32.34 11.67
C THR A 1169 22.34 30.94 12.26
N ILE A 1170 23.52 30.34 12.30
CA ILE A 1170 23.63 28.98 12.82
C ILE A 1170 23.68 28.98 14.35
N GLU A 1171 24.44 29.89 14.95
CA GLU A 1171 24.67 29.80 16.39
C GLU A 1171 23.51 30.38 17.20
N ASP A 1172 22.29 29.93 16.92
CA ASP A 1172 21.15 30.30 17.73
C ASP A 1172 20.21 29.13 18.02
N LEU A 1173 20.46 27.95 17.46
CA LEU A 1173 19.66 26.77 17.72
C LEU A 1173 19.98 26.21 19.11
N PRO A 1174 19.11 25.35 19.65
CA PRO A 1174 19.45 24.68 20.91
C PRO A 1174 20.76 23.92 20.85
N GLY A 1175 21.05 23.26 19.73
CA GLY A 1175 22.35 22.67 19.51
C GLY A 1175 23.29 23.68 18.87
N LYS A 1176 24.57 23.59 19.23
CA LYS A 1176 25.55 24.54 18.70
C LYS A 1176 25.70 24.39 17.19
N MET A 1177 26.23 23.24 16.74
CA MET A 1177 26.36 22.99 15.32
C MET A 1177 26.00 21.55 14.94
N ASP A 1178 25.49 20.75 15.88
CA ASP A 1178 25.10 19.37 15.60
C ASP A 1178 23.59 19.19 15.62
N THR A 1179 22.84 20.26 15.41
CA THR A 1179 21.38 20.17 15.44
C THR A 1179 20.87 19.37 14.23
N GLU A 1180 19.83 18.59 14.48
CA GLU A 1180 19.20 17.82 13.39
C GLU A 1180 18.55 18.76 12.40
N LEU A 1181 18.42 18.29 11.16
CA LEU A 1181 17.82 19.06 10.08
C LEU A 1181 16.68 18.26 9.46
N ALA A 1182 15.71 18.99 8.89
CA ALA A 1182 14.58 18.36 8.25
C ALA A 1182 14.96 17.86 6.86
N GLU A 1183 14.02 17.22 6.18
CA GLU A 1183 14.27 16.67 4.86
C GLU A 1183 14.36 17.78 3.83
N SER A 1184 15.45 17.77 3.05
CA SER A 1184 15.69 18.75 1.99
C SER A 1184 15.70 20.19 2.52
N GLY A 1185 16.07 20.35 3.79
CA GLY A 1185 16.12 21.67 4.39
C GLY A 1185 14.77 22.38 4.40
N SER A 1186 13.73 21.66 4.84
CA SER A 1186 12.38 22.22 4.81
C SER A 1186 12.25 23.46 5.68
N ASN A 1187 13.12 23.60 6.68
CA ASN A 1187 13.09 24.76 7.57
C ASN A 1187 14.07 25.85 7.15
N PHE A 1188 14.77 25.68 6.03
CA PHE A 1188 15.76 26.63 5.56
C PHE A 1188 15.33 27.23 4.23
N SER A 1189 15.80 28.45 3.97
CA SER A 1189 15.48 29.13 2.73
C SER A 1189 16.44 28.73 1.61
N VAL A 1190 16.04 29.02 0.37
CA VAL A 1190 16.87 28.69 -0.78
C VAL A 1190 18.19 29.45 -0.72
N GLY A 1191 18.15 30.70 -0.28
CA GLY A 1191 19.38 31.45 -0.08
C GLY A 1191 20.27 30.79 0.95
N GLN A 1192 19.67 30.24 2.01
CA GLN A 1192 20.45 29.52 3.01
C GLN A 1192 21.08 28.27 2.41
N ARG A 1193 20.35 27.57 1.54
CA ARG A 1193 20.92 26.39 0.88
C ARG A 1193 22.11 26.77 0.00
N GLN A 1194 21.98 27.84 -0.78
CA GLN A 1194 23.12 28.27 -1.58
C GLN A 1194 24.28 28.73 -0.72
N LEU A 1195 23.99 29.37 0.43
CA LEU A 1195 25.05 29.75 1.34
C LEU A 1195 25.78 28.54 1.88
N VAL A 1196 25.03 27.48 2.23
CA VAL A 1196 25.65 26.26 2.72
C VAL A 1196 26.51 25.62 1.64
N CYS A 1197 26.01 25.59 0.39
CA CYS A 1197 26.79 25.02 -0.69
C CYS A 1197 28.07 25.81 -0.93
N LEU A 1198 27.99 27.14 -0.88
CA LEU A 1198 29.18 27.97 -1.05
C LEU A 1198 30.18 27.73 0.08
N ALA A 1199 29.69 27.60 1.31
CA ALA A 1199 30.57 27.31 2.43
C ALA A 1199 31.25 25.96 2.26
N ARG A 1200 30.49 24.96 1.79
CA ARG A 1200 31.07 23.64 1.56
C ARG A 1200 32.15 23.70 0.48
N ALA A 1201 31.90 24.46 -0.59
CA ALA A 1201 32.90 24.60 -1.64
C ALA A 1201 34.16 25.28 -1.12
N ILE A 1202 33.99 26.34 -0.32
CA ILE A 1202 35.15 27.03 0.25
C ILE A 1202 35.93 26.10 1.16
N LEU A 1203 35.22 25.29 1.96
CA LEU A 1203 35.89 24.34 2.84
C LEU A 1203 36.68 23.32 2.04
N ARG A 1204 36.09 22.81 0.94
CA ARG A 1204 36.81 21.84 0.12
C ARG A 1204 38.03 22.46 -0.52
N LYS A 1205 37.93 23.73 -0.93
CA LYS A 1205 39.07 24.48 -1.47
C LYS A 1205 39.63 23.80 -2.73
N ASN A 1206 38.80 23.75 -3.76
CA ASN A 1206 39.16 23.13 -5.03
C ASN A 1206 39.62 24.18 -6.03
N GLN A 1207 40.63 23.80 -6.83
CA GLN A 1207 41.16 24.71 -7.84
C GLN A 1207 40.21 24.89 -9.02
N ILE A 1208 39.36 23.91 -9.30
CA ILE A 1208 38.41 23.98 -10.41
C ILE A 1208 37.00 24.00 -9.82
N LEU A 1209 36.23 25.03 -10.17
CA LEU A 1209 34.90 25.21 -9.64
C LEU A 1209 33.96 25.57 -10.77
N ILE A 1210 32.75 24.99 -10.74
CA ILE A 1210 31.73 25.21 -11.76
C ILE A 1210 30.43 25.57 -11.05
N ILE A 1211 29.82 26.69 -11.45
CA ILE A 1211 28.57 27.13 -10.83
C ILE A 1211 27.46 27.09 -11.86
N ASP A 1212 26.23 26.87 -11.37
CA ASP A 1212 25.04 26.87 -12.20
C ASP A 1212 24.29 28.19 -12.02
N GLN A 1213 23.07 28.26 -12.55
CA GLN A 1213 22.29 29.50 -12.49
C GLN A 1213 21.96 29.89 -11.06
N ALA A 1214 21.87 28.90 -10.16
CA ALA A 1214 21.69 29.13 -8.73
C ALA A 1214 20.39 29.86 -8.40
N THR A 1215 20.29 31.12 -8.81
CA THR A 1215 19.16 31.98 -8.43
C THR A 1215 18.17 32.10 -9.59
N ALA A 1216 16.89 31.97 -9.26
CA ALA A 1216 15.79 32.21 -10.19
C ALA A 1216 14.74 33.15 -9.61
N ASN A 1217 14.45 33.04 -8.30
CA ASN A 1217 13.48 33.91 -7.65
C ASN A 1217 13.94 34.32 -6.26
N VAL A 1218 15.23 34.13 -5.95
CA VAL A 1218 15.75 34.46 -4.63
C VAL A 1218 15.88 35.98 -4.48
N ASP A 1219 15.88 36.44 -3.24
CA ASP A 1219 15.97 37.86 -2.94
C ASP A 1219 17.19 38.46 -3.65
N PRO A 1220 17.03 39.57 -4.39
CA PRO A 1220 18.19 40.19 -5.04
C PRO A 1220 19.30 40.57 -4.07
N ARG A 1221 18.97 40.88 -2.82
CA ARG A 1221 20.03 41.13 -1.83
C ARG A 1221 20.91 39.90 -1.65
N THR A 1222 20.28 38.73 -1.50
CA THR A 1222 21.03 37.49 -1.38
C THR A 1222 21.79 37.18 -2.67
N ASP A 1223 21.18 37.47 -3.82
CA ASP A 1223 21.85 37.25 -5.09
C ASP A 1223 23.11 38.09 -5.18
N GLU A 1224 23.02 39.37 -4.80
CA GLU A 1224 24.20 40.25 -4.82
C GLU A 1224 25.24 39.77 -3.82
N LEU A 1225 24.80 39.29 -2.66
CA LEU A 1225 25.74 38.77 -1.67
C LEU A 1225 26.52 37.59 -2.22
N ILE A 1226 25.82 36.60 -2.78
CA ILE A 1226 26.51 35.42 -3.30
C ILE A 1226 27.38 35.80 -4.50
N GLN A 1227 26.94 36.76 -5.32
CA GLN A 1227 27.76 37.19 -6.44
C GLN A 1227 29.06 37.81 -5.96
N LYS A 1228 28.99 38.72 -4.99
CA LYS A 1228 30.21 39.36 -4.50
C LYS A 1228 31.13 38.36 -3.81
N LYS A 1229 30.55 37.41 -3.08
CA LYS A 1229 31.39 36.38 -2.43
C LYS A 1229 32.07 35.51 -3.47
N ILE A 1230 31.36 35.15 -4.55
CA ILE A 1230 31.97 34.37 -5.62
C ILE A 1230 33.10 35.15 -6.26
N ARG A 1231 32.89 36.44 -6.52
CA ARG A 1231 33.94 37.24 -7.14
C ARG A 1231 35.17 37.37 -6.24
N GLU A 1232 34.96 37.56 -4.94
CA GLU A 1232 36.05 37.89 -4.03
C GLU A 1232 36.69 36.67 -3.37
N LYS A 1233 36.12 35.47 -3.53
CA LYS A 1233 36.68 34.30 -2.87
C LYS A 1233 37.42 33.34 -3.79
N PHE A 1234 37.19 33.40 -5.10
CA PHE A 1234 37.73 32.42 -6.05
C PHE A 1234 38.50 33.11 -7.15
N ALA A 1235 39.37 34.05 -6.78
CA ALA A 1235 40.20 34.72 -7.77
C ALA A 1235 41.31 33.82 -8.28
N HIS A 1236 41.89 33.01 -7.39
CA HIS A 1236 43.03 32.18 -7.73
C HIS A 1236 42.65 30.77 -8.17
N CYS A 1237 41.36 30.49 -8.34
CA CYS A 1237 40.89 29.17 -8.74
C CYS A 1237 40.09 29.29 -10.03
N THR A 1238 40.30 28.34 -10.95
CA THR A 1238 39.57 28.34 -12.21
C THR A 1238 38.08 28.22 -11.96
N VAL A 1239 37.29 29.08 -12.62
CA VAL A 1239 35.85 29.17 -12.39
C VAL A 1239 35.13 29.12 -13.73
N LEU A 1240 34.17 28.22 -13.84
CA LEU A 1240 33.24 28.15 -14.95
C LEU A 1240 31.84 28.50 -14.46
N THR A 1241 31.08 29.21 -15.30
CA THR A 1241 29.78 29.73 -14.90
C THR A 1241 28.76 29.40 -15.98
N ILE A 1242 28.01 28.32 -15.78
CA ILE A 1242 26.86 28.03 -16.63
C ILE A 1242 25.64 28.64 -15.96
N ALA A 1243 24.69 29.12 -16.77
CA ALA A 1243 23.53 29.77 -16.20
C ALA A 1243 22.41 29.83 -17.22
N HIS A 1244 21.19 29.79 -16.71
CA HIS A 1244 20.00 30.17 -17.47
C HIS A 1244 19.72 31.66 -17.35
N ARG A 1245 20.76 32.47 -17.12
CA ARG A 1245 20.63 33.87 -16.75
C ARG A 1245 21.58 34.74 -17.56
N LEU A 1246 21.77 35.99 -17.14
CA LEU A 1246 22.38 37.02 -17.97
C LEU A 1246 23.20 37.93 -17.05
N ASN A 1247 23.43 39.16 -17.54
CA ASN A 1247 24.14 40.28 -16.88
C ASN A 1247 25.20 39.84 -15.87
N THR A 1248 24.81 39.06 -14.86
CA THR A 1248 25.78 38.56 -13.90
C THR A 1248 26.84 37.69 -14.55
N ILE A 1249 26.58 37.17 -15.75
CA ILE A 1249 27.55 36.38 -16.48
C ILE A 1249 28.27 37.22 -17.55
N ILE A 1250 28.26 38.55 -17.41
CA ILE A 1250 28.81 39.43 -18.43
C ILE A 1250 30.29 39.72 -18.24
N ASP A 1251 30.87 39.43 -17.08
CA ASP A 1251 32.24 39.78 -16.78
C ASP A 1251 33.22 38.63 -17.03
N SER A 1252 32.75 37.52 -17.59
CA SER A 1252 33.62 36.38 -17.83
C SER A 1252 34.67 36.72 -18.88
N ASP A 1253 35.86 36.13 -18.73
CA ASP A 1253 36.94 36.39 -19.68
C ASP A 1253 36.57 35.90 -21.08
N LYS A 1254 35.96 34.72 -21.17
CA LYS A 1254 35.51 34.16 -22.43
C LYS A 1254 34.10 33.60 -22.27
N ILE A 1255 33.32 33.70 -23.34
CA ILE A 1255 31.96 33.15 -23.39
C ILE A 1255 31.94 31.97 -24.34
N MET A 1256 31.41 30.85 -23.88
CA MET A 1256 31.18 29.70 -24.74
C MET A 1256 29.74 29.75 -25.25
N VAL A 1257 29.59 29.75 -26.57
CA VAL A 1257 28.28 29.87 -27.21
C VAL A 1257 27.92 28.49 -27.76
N LEU A 1258 26.77 27.98 -27.33
CA LEU A 1258 26.30 26.65 -27.72
C LEU A 1258 25.05 26.80 -28.58
N ASP A 1259 25.13 26.29 -29.81
CA ASP A 1259 24.00 26.25 -30.73
C ASP A 1259 23.67 24.77 -30.97
N SER A 1260 22.66 24.27 -30.26
CA SER A 1260 22.22 22.88 -30.37
C SER A 1260 23.39 21.92 -30.13
N GLY A 1261 24.24 22.27 -29.17
CA GLY A 1261 25.40 21.47 -28.85
C GLY A 1261 26.62 21.73 -29.69
N ARG A 1262 26.62 22.78 -30.51
CA ARG A 1262 27.76 23.13 -31.34
C ARG A 1262 28.44 24.37 -30.77
N LEU A 1263 29.75 24.29 -30.58
CA LEU A 1263 30.52 25.41 -30.05
C LEU A 1263 30.74 26.43 -31.16
N LYS A 1264 30.03 27.54 -31.09
CA LYS A 1264 30.08 28.54 -32.17
C LYS A 1264 31.12 29.63 -31.88
N GLU A 1265 30.96 30.35 -30.78
CA GLU A 1265 31.83 31.45 -30.43
C GLU A 1265 32.43 31.23 -29.05
N TYR A 1266 33.75 31.42 -28.95
CA TYR A 1266 34.48 31.25 -27.69
C TYR A 1266 35.56 32.33 -27.65
N ASP A 1267 35.25 33.47 -27.05
CA ASP A 1267 36.16 34.60 -27.03
C ASP A 1267 35.66 35.64 -26.02
N GLU A 1268 36.34 36.78 -25.98
CA GLU A 1268 35.97 37.88 -25.10
C GLU A 1268 34.56 38.37 -25.42
N PRO A 1269 33.72 38.63 -24.42
CA PRO A 1269 32.37 39.14 -24.69
C PRO A 1269 32.37 40.43 -25.52
N TYR A 1270 33.33 41.32 -25.30
CA TYR A 1270 33.37 42.57 -26.05
C TYR A 1270 33.63 42.30 -27.54
N VAL A 1271 34.53 41.37 -27.84
CA VAL A 1271 34.82 41.05 -29.23
C VAL A 1271 33.59 40.50 -29.94
N LEU A 1272 32.85 39.61 -29.27
CA LEU A 1272 31.63 39.07 -29.85
C LEU A 1272 30.58 40.15 -30.02
N LEU A 1273 30.45 41.05 -29.04
CA LEU A 1273 29.48 42.13 -29.14
C LEU A 1273 29.84 43.10 -30.25
N GLN A 1274 31.13 43.21 -30.59
CA GLN A 1274 31.54 44.08 -31.69
C GLN A 1274 30.90 43.65 -33.01
N ASN A 1275 30.87 42.35 -33.27
CA ASN A 1275 30.28 41.84 -34.50
C ASN A 1275 28.77 41.68 -34.33
N LYS A 1276 28.01 42.24 -35.28
CA LYS A 1276 26.55 42.11 -35.22
C LYS A 1276 26.11 40.72 -35.62
N GLU A 1277 26.84 40.05 -36.52
CA GLU A 1277 26.47 38.71 -36.95
C GLU A 1277 26.65 37.68 -35.85
N SER A 1278 27.37 38.00 -34.79
CA SER A 1278 27.57 37.07 -33.69
C SER A 1278 26.26 36.81 -32.97
N LEU A 1279 26.06 35.55 -32.55
CA LEU A 1279 24.83 35.19 -31.85
C LEU A 1279 24.76 35.83 -30.47
N PHE A 1280 25.91 36.12 -29.87
CA PHE A 1280 25.93 36.78 -28.56
C PHE A 1280 25.30 38.17 -28.64
N TYR A 1281 25.64 38.94 -29.67
CA TYR A 1281 25.06 40.27 -29.83
C TYR A 1281 23.55 40.20 -30.01
N LYS A 1282 23.08 39.25 -30.83
CA LYS A 1282 21.64 39.11 -31.03
C LYS A 1282 20.93 38.70 -29.74
N MET A 1283 21.53 37.78 -28.99
CA MET A 1283 20.95 37.36 -27.71
C MET A 1283 20.90 38.52 -26.73
N VAL A 1284 21.93 39.37 -26.74
CA VAL A 1284 21.92 40.57 -25.89
C VAL A 1284 20.81 41.51 -26.33
N GLN A 1285 20.68 41.73 -27.64
CA GLN A 1285 19.64 42.61 -28.16
C GLN A 1285 18.23 42.06 -27.92
N GLN A 1286 18.11 40.75 -27.68
CA GLN A 1286 16.80 40.18 -27.41
C GLN A 1286 16.19 40.74 -26.12
N LEU A 1287 17.02 41.17 -25.18
CA LEU A 1287 16.51 41.76 -23.95
C LEU A 1287 15.81 43.09 -24.22
N GLY A 1288 16.48 43.98 -24.94
CA GLY A 1288 15.95 45.30 -25.20
C GLY A 1288 17.00 46.26 -25.69
N LYS A 1289 16.94 47.52 -25.24
CA LYS A 1289 17.91 48.53 -25.66
C LYS A 1289 18.65 49.17 -24.49
N ALA A 1290 17.96 49.50 -23.40
CA ALA A 1290 18.64 50.05 -22.23
C ALA A 1290 19.48 48.99 -21.54
N GLU A 1291 18.92 47.80 -21.31
CA GLU A 1291 19.68 46.71 -20.73
C GLU A 1291 20.81 46.28 -21.65
N ALA A 1292 20.55 46.25 -22.96
CA ALA A 1292 21.60 45.90 -23.92
C ALA A 1292 22.74 46.91 -23.88
N ALA A 1293 22.40 48.20 -23.82
CA ALA A 1293 23.43 49.23 -23.74
C ALA A 1293 24.22 49.11 -22.45
N ALA A 1294 23.54 48.82 -21.34
CA ALA A 1294 24.24 48.66 -20.07
C ALA A 1294 25.18 47.45 -20.11
N LEU A 1295 24.73 46.35 -20.72
CA LEU A 1295 25.58 45.17 -20.84
C LEU A 1295 26.79 45.44 -21.73
N THR A 1296 26.58 46.17 -22.84
CA THR A 1296 27.70 46.52 -23.71
C THR A 1296 28.70 47.40 -22.98
N GLU A 1297 28.22 48.38 -22.21
CA GLU A 1297 29.11 49.24 -21.45
C GLU A 1297 29.88 48.44 -20.40
N THR A 1298 29.20 47.51 -19.71
CA THR A 1298 29.87 46.69 -18.71
C THR A 1298 30.94 45.81 -19.35
N ALA A 1299 30.63 45.20 -20.49
CA ALA A 1299 31.62 44.37 -21.18
C ALA A 1299 32.81 45.20 -21.63
N LYS A 1300 32.56 46.41 -22.16
CA LYS A 1300 33.65 47.28 -22.58
C LYS A 1300 34.52 47.67 -21.39
N GLN A 1301 33.90 48.00 -20.26
CA GLN A 1301 34.68 48.37 -19.08
C GLN A 1301 35.51 47.19 -18.57
N VAL A 1302 34.93 45.99 -18.57
CA VAL A 1302 35.66 44.81 -18.14
C VAL A 1302 36.85 44.55 -19.06
N TYR A 1303 36.62 44.67 -20.38
CA TYR A 1303 37.71 44.48 -21.34
C TYR A 1303 38.81 45.50 -21.13
N PHE A 1304 38.45 46.76 -20.92
CA PHE A 1304 39.46 47.81 -20.75
C PHE A 1304 40.25 47.62 -19.46
N LYS A 1305 39.56 47.28 -18.37
CA LYS A 1305 40.26 47.13 -17.09
C LYS A 1305 41.13 45.87 -17.07
N ARG A 1306 40.68 44.81 -17.74
CA ARG A 1306 41.43 43.55 -17.72
C ARG A 1306 42.58 43.56 -18.73
N ASN A 1307 42.25 43.76 -20.01
CA ASN A 1307 43.25 43.67 -21.06
C ASN A 1307 44.16 44.88 -21.14
N TYR A 1308 43.73 46.03 -20.62
CA TYR A 1308 44.51 47.26 -20.66
C TYR A 1308 44.54 47.90 -19.28
N PRO A 1309 45.27 47.29 -18.33
CA PRO A 1309 45.34 47.85 -16.96
C PRO A 1309 46.24 49.07 -16.88
C1 FMM B . -1.72 -34.57 15.70
S2 FMM B . -2.81 -33.26 15.26
O3 FMM B . -3.96 -33.33 16.09
O4 FMM B . -2.07 -32.04 15.22
C5 FMM B . -3.30 -33.65 13.60
C6 FMM B . -4.27 -32.64 13.01
N7 FMM B . -3.66 -31.31 12.91
C8 FMM B . -2.42 -31.30 12.14
C9 FMM B . -1.88 -29.94 11.94
C10 FMM B . -0.64 -29.43 11.91
C11 FMM B . -0.75 -28.03 11.67
C12 FMM B . -2.07 -27.76 11.55
O13 FMM B . -2.79 -28.93 11.71
C14 FMM B . -2.85 -26.56 11.30
C15 FMM B . -2.24 -25.31 11.35
C16 FMM B . -2.94 -24.16 11.11
C17 FMM B . -4.32 -24.22 10.81
N18 FMM B . -5.01 -23.04 10.58
C19 FMM B . -6.28 -23.19 10.31
N20 FMM B . -7.01 -24.32 10.22
C21 FMM B . -6.36 -25.47 10.42
N22 FMM B . -7.04 -26.65 10.37
C23 FMM B . -8.41 -26.96 10.51
C24 FMM B . -8.75 -28.28 10.79
C25 FMM B . -10.06 -28.66 10.95
C26 FMM B . -11.08 -27.72 10.80
O27 FMM B . -12.39 -28.04 10.95
C28 FMM B . -13.20 -28.15 9.78
C29 FMM B . -12.73 -29.29 8.92
C30 FMM B . -13.16 -30.57 9.15
C31 FMM B . -12.72 -31.61 8.36
C32 FMM B . -11.86 -31.38 7.31
C33 FMM B . -11.46 -30.10 7.10
F34 FMM B . -10.60 -29.86 6.07
C35 FMM B . -11.86 -29.05 7.86
C36 FMM B . -10.73 -26.40 10.52
CL3 FMM B . -11.97 -25.20 10.36
C38 FMM B . -9.41 -26.02 10.37
C39 FMM B . -4.96 -25.48 10.75
C40 FMM B . -4.21 -26.65 11.00
MG MG C . -13.17 32.06 -1.63
PG ATP D . 19.56 23.36 -18.70
O1G ATP D . 20.59 24.26 -18.12
O2G ATP D . 18.16 23.99 -18.77
O3G ATP D . 19.45 22.00 -18.00
PB ATP D . 19.21 22.94 -21.64
O1B ATP D . 19.76 23.95 -22.58
O2B ATP D . 17.71 23.02 -21.41
O3B ATP D . 19.92 23.01 -20.22
PA ATP D . 20.30 20.20 -21.51
O1A ATP D . 19.77 19.84 -20.18
O2A ATP D . 21.80 20.50 -21.56
O3A ATP D . 19.55 21.47 -22.11
O5' ATP D . 20.00 19.07 -22.57
C5' ATP D . 19.87 19.38 -23.97
C4' ATP D . 19.07 18.29 -24.66
O4' ATP D . 19.30 17.03 -23.99
C3' ATP D . 17.56 18.49 -24.68
O3' ATP D . 17.00 17.97 -25.87
C2' ATP D . 17.11 17.70 -23.45
O2' ATP D . 15.77 17.24 -23.57
C1' ATP D . 18.09 16.52 -23.49
N9 ATP D . 18.35 15.92 -22.17
C8 ATP D . 18.70 16.58 -21.03
N7 ATP D . 18.86 15.78 -19.99
C5 ATP D . 18.61 14.53 -20.49
C6 ATP D . 18.61 13.24 -19.90
N6 ATP D . 18.90 13.02 -18.63
N1 ATP D . 18.30 12.19 -20.70
C2 ATP D . 18.01 12.41 -21.98
N3 ATP D . 17.97 13.57 -22.65
C4 ATP D . 18.28 14.60 -21.84
MG MG E . 18.71 21.47 -19.80
PG ATP F . -11.29 33.51 -1.24
O1G ATP F . -10.13 34.43 -1.00
O2G ATP F . -12.35 34.10 -2.18
O3G ATP F . -10.88 32.13 -1.74
PB ATP F . -13.32 32.40 0.65
O1B ATP F . -14.52 32.64 -0.17
O2B ATP F . -12.87 30.94 0.76
O3B ATP F . -12.07 33.23 0.12
PA ATP F . -12.54 33.57 3.25
O1A ATP F . -11.93 34.84 2.82
O2A ATP F . -11.55 32.48 3.65
O3A ATP F . -13.49 32.96 2.13
O5' ATP F . -13.55 33.79 4.45
C5' ATP F . -14.90 33.31 4.38
C4' ATP F . -15.22 32.59 5.67
O4' ATP F . -15.73 31.27 5.38
C3' ATP F . -14.03 32.36 6.61
O3' ATP F . -14.44 32.42 7.97
C2' ATP F . -13.55 30.97 6.20
O2' ATP F . -12.87 30.32 7.27
C1' ATP F . -14.88 30.27 5.90
N9 ATP F . -14.78 29.19 4.95
C8 ATP F . -14.65 29.28 3.59
N7 ATP F . -14.58 28.13 2.97
C5 ATP F . -14.68 27.21 3.99
C6 ATP F . -14.69 25.80 4.00
N6 ATP F . -14.58 25.04 2.90
N1 ATP F . -14.81 25.18 5.19
C2 ATP F . -14.92 25.93 6.30
N3 ATP F . -14.94 27.25 6.41
C4 ATP F . -14.81 27.84 5.22
#